data_6HZG
#
_entry.id   6HZG
#
_cell.length_a   55.298
_cell.length_b   68.379
_cell.length_c   220.158
_cell.angle_alpha   90.00
_cell.angle_beta   90.00
_cell.angle_gamma   90.00
#
_symmetry.space_group_name_H-M   'P 2 21 21'
#
loop_
_entity.id
_entity.type
_entity.pdbx_description
1 polymer 'BPa0997 N-ter E361S'
2 non-polymer 'alpha-D-galactopyranuronic acid'
3 non-polymer 'beta-D-galactopyranuronic acid'
4 non-polymer 'CHLORIDE ION'
5 non-polymer 'SODIUM ION'
6 water water
#
_entity_poly.entity_id   1
_entity_poly.type   'polypeptide(L)'
_entity_poly.pdbx_seq_one_letter_code
;MRRYNTGLFLLSMVMLAGCGKPEVNVVMTGDMTTRLAFAGEQLKQALVEKGYEVNQTTDEKEIGGGKRSIYLNLLNDTTK
KNKERFDISTKGKNTYVTGYDGNGIIYGCRELIDQLDQSGTMDFKPVSDAPEMVLRGACIGLQKTTYLPGHAVYEYPYTP
ESFPWFYDKERWIKYLDMMVENRMNSLYLWNGHPFASLVKLKDYPFALEVDEETFKKNEEMFSFLTTEAEKRGIFVIQMF
YNIIVSKPFADHYGIKTQDRNRPITPLISDYTRKSVAAFIEKYPNVGLLVCLGEAIGTYEEDVEWFTKTIIPGIKDGLKV
LGRTDEPPVLVRAHDTDCKMVIDAALPLYKNLYTMHKYNGSSLTTYEPRGPWAKIHKDLSSLGSVHISNVHILANLEPWR
WSSPDFIQKSVKAMHSVHGANALHIYPQANYWDWPYTADKLANGEREEQVYRDWAWYKAWGRYAWKADRNRLEEIKYWDK
QFGDFYGIPAEMADNIRIAYEESGEIAPKLLRRFGITEGNRQTLLLGMFMSQFVNPYKYTIHYGFYESCGPGGEKLIEYV
EKEWKKQPHVGELPLDIINQVIEHGDKAVAAIDKVVSSAKKNSDELRRLQNDMHCYREYAYAFYYKVKAAQHVLNYHWGK
NMDELDKAVPLMEESLKHYTKLVDLTKDTYLFANSMQTAQRRIPIGGDDGNNKTWSEMLVHYKAELYNFKENIEMLKDKK
VRKCVEVTPLKEADVKILNNLTKVKIEKGAKIFSNIDGGIDAIAKEITGLTGFVFNGEKQRDDATTIEFECSSPVTMLVA
YFKDDHRKFAKAPRLESDASANDYGQAEPVLTNALHVKGVALADIYPYKFKAGRHTLILPKGYCGVLGFTEDKIKERDVA
LEGGADAPDWLFY
;
_entity_poly.pdbx_strand_id   A
#
# COMPACT_ATOMS: atom_id res chain seq x y z
N PRO A 22 -3.14 -27.97 -30.94
CA PRO A 22 -2.72 -29.34 -30.56
C PRO A 22 -3.43 -29.83 -29.29
N GLU A 23 -3.51 -31.16 -29.11
CA GLU A 23 -4.05 -31.85 -27.90
C GLU A 23 -2.97 -31.79 -26.82
N VAL A 24 -3.33 -31.34 -25.61
CA VAL A 24 -2.41 -31.34 -24.45
C VAL A 24 -3.08 -32.06 -23.29
N ASN A 25 -2.36 -32.95 -22.58
CA ASN A 25 -2.85 -33.52 -21.30
C ASN A 25 -2.38 -32.68 -20.11
N VAL A 26 -3.28 -32.39 -19.18
CA VAL A 26 -2.98 -31.87 -17.83
C VAL A 26 -3.34 -33.00 -16.86
N VAL A 27 -2.36 -33.50 -16.14
CA VAL A 27 -2.41 -34.74 -15.31
C VAL A 27 -2.23 -34.35 -13.85
N MET A 28 -3.29 -34.40 -13.06
CA MET A 28 -3.25 -34.02 -11.62
C MET A 28 -3.13 -35.29 -10.79
N THR A 29 -1.92 -35.53 -10.23
CA THR A 29 -1.58 -36.64 -9.28
C THR A 29 -1.39 -36.08 -7.86
N GLY A 30 -1.46 -36.98 -6.88
CA GLY A 30 -1.51 -36.62 -5.45
C GLY A 30 -2.94 -36.54 -4.95
N ASP A 31 -3.14 -36.46 -3.64
CA ASP A 31 -4.50 -36.30 -3.05
C ASP A 31 -5.06 -34.94 -3.53
N MET A 32 -6.24 -34.95 -4.16
CA MET A 32 -6.91 -33.77 -4.75
C MET A 32 -7.33 -32.80 -3.64
N THR A 33 -6.72 -31.63 -3.63
CA THR A 33 -6.94 -30.55 -2.66
C THR A 33 -7.53 -29.41 -3.48
N THR A 34 -8.12 -28.43 -2.81
CA THR A 34 -8.70 -27.24 -3.47
C THR A 34 -7.62 -26.50 -4.27
N ARG A 35 -6.40 -26.40 -3.74
CA ARG A 35 -5.30 -25.66 -4.41
C ARG A 35 -4.77 -26.43 -5.63
N LEU A 36 -4.63 -27.75 -5.57
CA LEU A 36 -4.27 -28.53 -6.77
C LEU A 36 -5.33 -28.34 -7.86
N ALA A 37 -6.63 -28.35 -7.50
CA ALA A 37 -7.73 -28.22 -8.47
C ALA A 37 -7.65 -26.85 -9.13
N PHE A 38 -7.45 -25.80 -8.32
CA PHE A 38 -7.36 -24.40 -8.82
C PHE A 38 -6.15 -24.27 -9.78
N ALA A 39 -5.01 -24.84 -9.40
CA ALA A 39 -3.76 -24.80 -10.18
C ALA A 39 -4.01 -25.41 -11.56
N GLY A 40 -4.59 -26.61 -11.60
CA GLY A 40 -4.89 -27.31 -12.85
C GLY A 40 -5.88 -26.54 -13.70
N GLU A 41 -6.86 -25.91 -13.06
CA GLU A 41 -7.89 -25.16 -13.81
C GLU A 41 -7.27 -23.88 -14.37
N GLN A 42 -6.36 -23.21 -13.65
CA GLN A 42 -5.63 -22.01 -14.18
C GLN A 42 -4.81 -22.43 -15.41
N LEU A 43 -4.12 -23.56 -15.33
CA LEU A 43 -3.26 -24.02 -16.43
C LEU A 43 -4.15 -24.39 -17.62
N LYS A 44 -5.23 -25.13 -17.40
CA LYS A 44 -6.20 -25.50 -18.46
C LYS A 44 -6.65 -24.21 -19.15
N GLN A 45 -7.14 -23.23 -18.40
CA GLN A 45 -7.76 -22.00 -18.96
C GLN A 45 -6.70 -21.24 -19.80
N ALA A 46 -5.43 -21.21 -19.36
CA ALA A 46 -4.35 -20.46 -20.03
C ALA A 46 -3.93 -21.20 -21.31
N LEU A 47 -3.97 -22.52 -21.31
CA LEU A 47 -3.64 -23.32 -22.51
C LEU A 47 -4.73 -23.12 -23.57
N VAL A 48 -6.00 -23.16 -23.13
CA VAL A 48 -7.18 -22.96 -24.03
C VAL A 48 -7.13 -21.53 -24.61
N GLU A 49 -6.77 -20.52 -23.81
CA GLU A 49 -6.65 -19.11 -24.30
C GLU A 49 -5.59 -19.09 -25.40
N LYS A 50 -4.50 -19.87 -25.31
CA LYS A 50 -3.39 -19.84 -26.31
C LYS A 50 -3.75 -20.78 -27.47
N GLY A 51 -4.95 -21.38 -27.44
CA GLY A 51 -5.54 -22.13 -28.57
C GLY A 51 -5.30 -23.64 -28.53
N TYR A 52 -4.75 -24.19 -27.45
CA TYR A 52 -4.57 -25.65 -27.30
C TYR A 52 -5.90 -26.29 -26.88
N GLU A 53 -6.13 -27.55 -27.28
CA GLU A 53 -7.20 -28.42 -26.74
C GLU A 53 -6.63 -29.16 -25.53
N VAL A 54 -7.32 -29.13 -24.37
CA VAL A 54 -6.76 -29.68 -23.11
C VAL A 54 -7.56 -30.91 -22.66
N ASN A 55 -6.87 -32.02 -22.40
CA ASN A 55 -7.41 -33.24 -21.75
C ASN A 55 -6.94 -33.21 -20.29
N GLN A 56 -7.82 -32.86 -19.33
CA GLN A 56 -7.62 -33.13 -17.88
C GLN A 56 -7.84 -34.64 -17.64
N THR A 57 -6.82 -35.40 -17.23
CA THR A 57 -6.93 -36.87 -17.07
C THR A 57 -6.00 -37.35 -15.96
N THR A 58 -6.36 -38.44 -15.32
CA THR A 58 -5.47 -39.19 -14.38
C THR A 58 -5.28 -40.62 -14.88
N ASP A 59 -5.50 -40.89 -16.18
CA ASP A 59 -5.47 -42.26 -16.80
C ASP A 59 -4.13 -42.46 -17.51
N GLU A 60 -3.31 -43.41 -17.02
CA GLU A 60 -2.04 -43.88 -17.66
C GLU A 60 -2.30 -44.23 -19.14
N LYS A 61 -3.50 -44.75 -19.47
CA LYS A 61 -3.89 -45.23 -20.84
C LYS A 61 -4.03 -44.03 -21.79
N GLU A 62 -4.44 -42.84 -21.31
CA GLU A 62 -4.58 -41.61 -22.15
C GLU A 62 -3.27 -40.80 -22.10
N ILE A 63 -2.55 -40.83 -20.98
CA ILE A 63 -1.36 -39.95 -20.65
C ILE A 63 -0.08 -40.66 -21.08
N LYS A 67 1.98 -37.47 -27.13
CA LYS A 67 0.67 -36.77 -27.15
C LYS A 67 0.77 -35.36 -26.49
N ARG A 68 1.85 -35.08 -25.73
CA ARG A 68 2.22 -33.78 -25.08
C ARG A 68 1.49 -33.58 -23.73
N SER A 69 2.22 -33.71 -22.61
CA SER A 69 1.63 -33.81 -21.25
C SER A 69 2.34 -32.89 -20.25
N ILE A 70 1.55 -32.33 -19.33
CA ILE A 70 2.04 -31.59 -18.13
C ILE A 70 1.49 -32.32 -16.90
N TYR A 71 2.37 -32.82 -16.05
CA TYR A 71 2.01 -33.57 -14.82
C TYR A 71 2.08 -32.63 -13.61
N LEU A 72 0.96 -32.42 -12.95
CA LEU A 72 0.94 -31.65 -11.65
C LEU A 72 0.94 -32.63 -10.47
N ASN A 73 2.07 -32.72 -9.78
CA ASN A 73 2.27 -33.64 -8.62
C ASN A 73 2.36 -32.80 -7.35
N LEU A 74 1.38 -32.94 -6.48
CA LEU A 74 1.38 -32.26 -5.16
C LEU A 74 1.99 -33.21 -4.12
N LEU A 75 3.06 -32.79 -3.43
CA LEU A 75 3.71 -33.55 -2.33
C LEU A 75 2.94 -33.30 -1.02
N ASN A 76 3.13 -34.16 -0.02
CA ASN A 76 2.35 -34.17 1.24
C ASN A 76 2.83 -33.06 2.17
N ASP A 77 4.14 -33.02 2.51
CA ASP A 77 4.72 -32.18 3.60
C ASP A 77 5.98 -31.43 3.10
N THR A 78 7.06 -31.45 3.89
CA THR A 78 8.45 -30.97 3.58
C THR A 78 8.84 -29.78 4.48
N THR A 79 7.89 -29.26 5.28
CA THR A 79 8.12 -28.29 6.38
C THR A 79 8.70 -26.99 5.84
N LYS A 80 9.05 -26.06 6.74
CA LYS A 80 9.32 -24.62 6.45
C LYS A 80 10.34 -24.49 5.31
N LYS A 81 11.35 -25.38 5.29
CA LYS A 81 12.38 -25.53 4.23
C LYS A 81 11.76 -25.31 2.85
N ASN A 82 10.63 -25.94 2.58
CA ASN A 82 10.09 -26.05 1.19
C ASN A 82 8.73 -25.36 1.07
N LYS A 83 8.34 -24.51 2.04
CA LYS A 83 7.05 -23.77 1.99
C LYS A 83 6.94 -23.03 0.64
N GLU A 84 5.91 -23.31 -0.14
CA GLU A 84 5.52 -22.56 -1.36
C GLU A 84 6.54 -22.82 -2.47
N ARG A 85 7.30 -23.91 -2.35
CA ARG A 85 8.31 -24.30 -3.36
C ARG A 85 7.67 -25.13 -4.49
N PHE A 86 8.15 -24.92 -5.72
CA PHE A 86 7.86 -25.85 -6.86
C PHE A 86 9.15 -26.21 -7.59
N ASP A 87 9.17 -27.39 -8.22
CA ASP A 87 10.20 -27.80 -9.23
C ASP A 87 9.49 -28.00 -10.56
N ILE A 88 10.05 -27.47 -11.63
CA ILE A 88 9.62 -27.80 -13.01
C ILE A 88 10.81 -28.44 -13.74
N SER A 89 10.58 -29.63 -14.29
CA SER A 89 11.53 -30.34 -15.17
C SER A 89 10.78 -30.68 -16.45
N THR A 90 11.54 -30.91 -17.52
CA THR A 90 11.00 -31.21 -18.86
C THR A 90 11.88 -32.31 -19.44
N LYS A 91 11.26 -33.27 -20.12
CA LYS A 91 11.93 -34.26 -20.99
C LYS A 91 11.09 -34.31 -22.28
N GLY A 92 11.60 -33.69 -23.37
CA GLY A 92 10.90 -33.55 -24.67
C GLY A 92 9.49 -33.00 -24.52
N LYS A 93 8.46 -33.77 -24.87
CA LYS A 93 7.05 -33.29 -24.88
C LYS A 93 6.43 -33.31 -23.48
N ASN A 94 7.11 -33.86 -22.46
CA ASN A 94 6.54 -33.98 -21.09
C ASN A 94 7.12 -32.89 -20.18
N THR A 95 6.26 -32.30 -19.36
CA THR A 95 6.65 -31.33 -18.31
C THR A 95 6.16 -31.85 -16.96
N TYR A 96 7.01 -31.80 -15.95
CA TYR A 96 6.66 -32.25 -14.58
C TYR A 96 6.74 -31.07 -13.61
N VAL A 97 5.60 -30.71 -13.04
CA VAL A 97 5.51 -29.74 -11.93
C VAL A 97 5.35 -30.50 -10.61
N THR A 98 6.33 -30.36 -9.72
CA THR A 98 6.28 -30.83 -8.32
C THR A 98 5.97 -29.62 -7.47
N GLY A 99 4.85 -29.63 -6.76
CA GLY A 99 4.51 -28.63 -5.75
C GLY A 99 4.73 -29.22 -4.38
N TYR A 100 5.49 -28.54 -3.53
CA TYR A 100 5.84 -29.02 -2.17
C TYR A 100 4.67 -28.77 -1.20
N ASP A 101 3.81 -27.80 -1.51
CA ASP A 101 2.51 -27.64 -0.81
C ASP A 101 1.55 -27.06 -1.84
N GLY A 102 0.30 -26.83 -1.42
CA GLY A 102 -0.75 -26.30 -2.30
C GLY A 102 -0.37 -24.97 -2.94
N ASN A 103 0.30 -24.09 -2.21
CA ASN A 103 0.77 -22.82 -2.79
C ASN A 103 1.81 -23.12 -3.86
N GLY A 104 2.73 -24.01 -3.55
CA GLY A 104 3.79 -24.45 -4.48
C GLY A 104 3.23 -24.90 -5.81
N ILE A 105 2.18 -25.72 -5.80
CA ILE A 105 1.61 -26.20 -7.09
C ILE A 105 0.97 -25.03 -7.83
N ILE A 106 0.30 -24.13 -7.10
CA ILE A 106 -0.29 -22.91 -7.72
C ILE A 106 0.85 -22.12 -8.36
N TYR A 107 1.97 -21.92 -7.66
CA TYR A 107 3.08 -21.08 -8.16
C TYR A 107 3.81 -21.76 -9.32
N GLY A 108 3.90 -23.08 -9.32
CA GLY A 108 4.47 -23.88 -10.42
C GLY A 108 3.66 -23.67 -11.68
N CYS A 109 2.33 -23.76 -11.57
CA CYS A 109 1.40 -23.50 -12.72
C CYS A 109 1.56 -22.04 -13.16
N ARG A 110 1.72 -21.12 -12.22
CA ARG A 110 1.94 -19.69 -12.53
C ARG A 110 3.19 -19.53 -13.37
N GLU A 111 4.27 -20.21 -13.00
CA GLU A 111 5.56 -20.20 -13.72
C GLU A 111 5.32 -20.68 -15.13
N LEU A 112 4.63 -21.81 -15.33
CA LEU A 112 4.34 -22.30 -16.71
C LEU A 112 3.56 -21.24 -17.47
N ILE A 113 2.52 -20.65 -16.82
CA ILE A 113 1.61 -19.71 -17.51
C ILE A 113 2.40 -18.48 -17.91
N ASP A 114 3.27 -18.01 -17.01
CA ASP A 114 4.17 -16.85 -17.25
C ASP A 114 5.06 -17.15 -18.45
N GLN A 115 5.62 -18.37 -18.52
CA GLN A 115 6.49 -18.78 -19.65
C GLN A 115 5.64 -18.85 -20.93
N LEU A 116 4.43 -19.41 -20.86
CA LEU A 116 3.50 -19.55 -22.02
C LEU A 116 3.11 -18.15 -22.54
N ASP A 117 2.97 -17.16 -21.66
CA ASP A 117 2.61 -15.78 -22.07
C ASP A 117 3.82 -15.14 -22.77
N GLN A 118 5.06 -15.37 -22.29
CA GLN A 118 6.31 -14.67 -22.72
C GLN A 118 6.77 -15.27 -24.06
N SER A 119 6.92 -16.59 -24.17
CA SER A 119 6.90 -17.30 -25.50
C SER A 119 5.46 -17.24 -26.00
N GLY A 120 5.09 -18.08 -26.98
CA GLY A 120 3.67 -18.37 -27.31
C GLY A 120 3.44 -19.86 -27.33
N THR A 121 4.39 -20.61 -26.75
CA THR A 121 4.55 -22.06 -26.97
C THR A 121 4.74 -22.79 -25.64
N MET A 122 4.68 -24.12 -25.69
CA MET A 122 4.91 -25.00 -24.52
C MET A 122 6.35 -25.50 -24.55
N ASP A 123 7.28 -24.68 -25.05
CA ASP A 123 8.74 -24.84 -24.84
C ASP A 123 9.08 -24.27 -23.47
N PHE A 124 9.00 -25.09 -22.43
CA PHE A 124 9.16 -24.66 -21.01
C PHE A 124 10.62 -24.83 -20.59
N LYS A 125 11.17 -23.82 -19.92
CA LYS A 125 12.53 -23.89 -19.31
C LYS A 125 12.37 -24.44 -17.90
N PRO A 126 13.23 -25.39 -17.47
CA PRO A 126 13.17 -25.91 -16.11
C PRO A 126 13.49 -24.80 -15.11
N VAL A 127 12.78 -24.80 -13.98
CA VAL A 127 12.89 -23.82 -12.87
C VAL A 127 12.64 -24.56 -11.56
N SER A 128 13.45 -24.35 -10.53
CA SER A 128 13.16 -24.73 -9.13
C SER A 128 13.09 -23.44 -8.31
N ASP A 129 11.98 -23.10 -7.67
CA ASP A 129 11.89 -21.78 -6.99
C ASP A 129 10.94 -21.82 -5.79
N ALA A 130 11.11 -20.80 -4.94
CA ALA A 130 10.33 -20.56 -3.72
C ALA A 130 10.53 -19.10 -3.32
N PRO A 131 9.53 -18.50 -2.63
CA PRO A 131 9.58 -17.09 -2.30
C PRO A 131 10.57 -16.82 -1.17
N GLU A 132 11.21 -15.65 -1.19
CA GLU A 132 12.07 -15.13 -0.08
C GLU A 132 11.15 -14.69 1.04
N MET A 133 10.28 -13.71 0.80
CA MET A 133 9.35 -13.31 1.89
C MET A 133 8.24 -14.35 2.04
N VAL A 134 7.87 -14.67 3.27
CA VAL A 134 6.96 -15.80 3.61
C VAL A 134 5.50 -15.36 3.61
N LEU A 135 5.19 -14.06 3.80
CA LEU A 135 3.83 -13.48 3.64
C LEU A 135 4.00 -12.24 2.75
N ARG A 136 3.20 -12.20 1.71
CA ARG A 136 3.26 -11.23 0.61
C ARG A 136 1.81 -10.84 0.27
N GLY A 137 1.43 -9.59 0.56
CA GLY A 137 -0.01 -9.30 0.48
C GLY A 137 -0.31 -7.82 0.43
N ALA A 138 -1.58 -7.54 0.23
CA ALA A 138 -2.09 -6.15 0.10
C ALA A 138 -3.34 -6.03 0.97
N CYS A 139 -3.69 -4.78 1.24
CA CYS A 139 -4.89 -4.48 2.05
C CYS A 139 -5.95 -3.78 1.20
N ILE A 140 -7.17 -3.99 1.65
CA ILE A 140 -8.34 -3.19 1.25
C ILE A 140 -8.93 -2.58 2.52
N GLY A 141 -9.27 -1.30 2.44
CA GLY A 141 -9.87 -0.63 3.59
C GLY A 141 -11.37 -0.58 3.44
N LEU A 142 -12.07 -1.12 4.42
CA LEU A 142 -13.54 -0.89 4.57
C LEU A 142 -13.66 0.40 5.34
N GLN A 143 -13.36 1.45 4.58
CA GLN A 143 -13.13 2.81 5.07
C GLN A 143 -13.68 3.76 4.00
N LYS A 144 -13.94 5.01 4.36
CA LYS A 144 -14.43 6.03 3.37
C LYS A 144 -13.64 7.33 3.56
N THR A 145 -13.79 8.26 2.61
CA THR A 145 -13.03 9.53 2.56
C THR A 145 -13.40 10.45 3.74
N THR A 146 -14.57 10.25 4.33
CA THR A 146 -15.13 11.08 5.44
C THR A 146 -15.81 10.15 6.44
N TYR A 147 -16.03 10.66 7.64
CA TYR A 147 -16.70 9.89 8.72
C TYR A 147 -18.19 9.76 8.42
N LEU A 148 -18.77 8.64 8.86
CA LEU A 148 -20.23 8.43 8.79
C LEU A 148 -20.86 9.24 9.90
N PRO A 149 -22.10 9.72 9.67
CA PRO A 149 -22.85 10.38 10.73
C PRO A 149 -23.00 9.45 11.94
N GLY A 150 -22.75 9.98 13.13
CA GLY A 150 -22.83 9.23 14.41
C GLY A 150 -21.56 8.42 14.70
N HIS A 151 -20.58 8.47 13.81
CA HIS A 151 -19.36 7.64 13.86
C HIS A 151 -18.11 8.53 13.93
N ALA A 152 -17.10 8.03 14.63
CA ALA A 152 -15.75 8.61 14.69
C ALA A 152 -14.85 7.88 13.68
N VAL A 153 -13.60 8.30 13.68
CA VAL A 153 -12.55 7.87 12.72
C VAL A 153 -12.44 6.32 12.72
N TYR A 154 -12.35 5.74 11.51
CA TYR A 154 -12.18 4.30 11.22
C TYR A 154 -13.49 3.50 11.34
N GLU A 155 -14.60 4.11 11.85
CA GLU A 155 -15.83 3.35 12.19
C GLU A 155 -16.72 3.26 10.97
N TYR A 156 -16.78 2.12 10.34
CA TYR A 156 -17.70 1.90 9.19
C TYR A 156 -18.27 0.48 9.25
N PRO A 157 -19.56 0.33 9.62
CA PRO A 157 -20.20 -0.98 9.54
C PRO A 157 -20.12 -1.50 8.08
N TYR A 158 -20.00 -2.82 7.92
CA TYR A 158 -20.06 -3.46 6.60
C TYR A 158 -21.51 -3.48 6.11
N THR A 159 -21.85 -2.53 5.24
CA THR A 159 -23.18 -2.41 4.61
C THR A 159 -23.04 -2.22 3.12
N PRO A 160 -24.02 -2.70 2.32
CA PRO A 160 -24.06 -2.37 0.91
C PRO A 160 -24.15 -0.87 0.62
N GLU A 161 -24.73 -0.09 1.53
CA GLU A 161 -24.86 1.38 1.36
C GLU A 161 -23.45 2.00 1.36
N SER A 162 -22.57 1.58 2.28
CA SER A 162 -21.19 2.15 2.39
C SER A 162 -20.26 1.51 1.34
N PHE A 163 -20.39 0.20 1.15
CA PHE A 163 -19.40 -0.65 0.41
C PHE A 163 -20.11 -1.58 -0.56
N PRO A 164 -20.81 -1.07 -1.59
CA PRO A 164 -21.54 -1.95 -2.49
C PRO A 164 -20.58 -2.95 -3.13
N TRP A 165 -19.35 -2.49 -3.39
CA TRP A 165 -18.30 -3.32 -4.05
C TRP A 165 -17.97 -4.59 -3.22
N PHE A 166 -18.10 -4.55 -1.90
CA PHE A 166 -17.79 -5.68 -0.97
C PHE A 166 -18.67 -6.90 -1.30
N TYR A 167 -19.86 -6.69 -1.88
CA TYR A 167 -20.87 -7.73 -2.10
C TYR A 167 -20.80 -8.22 -3.54
N ASP A 168 -19.83 -7.74 -4.33
CA ASP A 168 -19.68 -8.06 -5.77
C ASP A 168 -18.70 -9.24 -5.89
N LYS A 169 -19.26 -10.44 -6.02
CA LYS A 169 -18.47 -11.70 -6.12
C LYS A 169 -17.57 -11.65 -7.36
N GLU A 170 -18.04 -11.11 -8.50
CA GLU A 170 -17.24 -11.09 -9.77
C GLU A 170 -16.02 -10.19 -9.56
N ARG A 171 -16.19 -9.09 -8.82
CA ARG A 171 -15.11 -8.12 -8.53
C ARG A 171 -14.07 -8.81 -7.63
N TRP A 172 -14.53 -9.53 -6.61
CA TRP A 172 -13.63 -10.30 -5.71
C TRP A 172 -12.77 -11.30 -6.49
N ILE A 173 -13.37 -12.04 -7.43
CA ILE A 173 -12.61 -13.04 -8.22
C ILE A 173 -11.50 -12.33 -8.97
N LYS A 174 -11.80 -11.20 -9.61
CA LYS A 174 -10.79 -10.42 -10.38
C LYS A 174 -9.66 -10.00 -9.45
N TYR A 175 -9.98 -9.55 -8.24
CA TYR A 175 -8.99 -9.09 -7.25
C TYR A 175 -8.13 -10.29 -6.84
N LEU A 176 -8.79 -11.38 -6.45
CA LEU A 176 -8.04 -12.58 -5.97
C LEU A 176 -7.20 -13.20 -7.11
N ASP A 177 -7.67 -13.16 -8.35
CA ASP A 177 -6.86 -13.67 -9.51
C ASP A 177 -5.62 -12.78 -9.68
N MET A 178 -5.75 -11.46 -9.50
N MET A 178 -5.76 -11.45 -9.53
CA MET A 178 -4.58 -10.52 -9.60
CA MET A 178 -4.61 -10.49 -9.63
C MET A 178 -3.57 -10.90 -8.52
C MET A 178 -3.58 -10.88 -8.56
N MET A 179 -4.05 -11.24 -7.32
N MET A 179 -4.05 -11.14 -7.34
CA MET A 179 -3.18 -11.62 -6.18
CA MET A 179 -3.16 -11.61 -6.23
C MET A 179 -2.44 -12.91 -6.49
C MET A 179 -2.40 -12.84 -6.68
N VAL A 180 -3.11 -13.89 -7.11
CA VAL A 180 -2.45 -15.17 -7.51
C VAL A 180 -1.43 -14.86 -8.59
N GLU A 181 -1.80 -14.06 -9.58
CA GLU A 181 -0.90 -13.70 -10.70
C GLU A 181 0.41 -13.10 -10.14
N ASN A 182 0.33 -12.33 -9.05
CA ASN A 182 1.51 -11.68 -8.41
C ASN A 182 2.06 -12.53 -7.25
N ARG A 183 1.57 -13.77 -7.08
CA ARG A 183 2.06 -14.76 -6.09
C ARG A 183 1.96 -14.19 -4.67
N MET A 184 0.95 -13.38 -4.46
CA MET A 184 0.63 -12.84 -3.12
C MET A 184 -0.21 -13.88 -2.40
N ASN A 185 0.07 -14.11 -1.12
CA ASN A 185 -0.60 -15.18 -0.35
C ASN A 185 -1.34 -14.62 0.86
N SER A 186 -1.67 -13.32 0.87
CA SER A 186 -2.34 -12.72 2.06
C SER A 186 -3.10 -11.47 1.62
N LEU A 187 -4.31 -11.34 2.16
CA LEU A 187 -5.22 -10.22 1.88
C LEU A 187 -5.67 -9.72 3.25
N TYR A 188 -5.59 -8.40 3.45
CA TYR A 188 -5.95 -7.80 4.74
C TYR A 188 -7.13 -6.84 4.53
N LEU A 189 -8.14 -6.97 5.37
CA LEU A 189 -9.30 -6.05 5.41
C LEU A 189 -9.14 -5.12 6.62
N TRP A 190 -9.05 -3.81 6.39
CA TRP A 190 -8.87 -2.81 7.48
C TRP A 190 -10.20 -2.18 7.87
N ASN A 191 -10.52 -2.21 9.15
CA ASN A 191 -11.78 -1.59 9.66
C ASN A 191 -11.61 -1.23 11.13
N GLY A 192 -12.32 -0.20 11.65
CA GLY A 192 -12.18 0.17 13.07
C GLY A 192 -12.73 -0.89 14.00
N HIS A 193 -13.98 -1.29 13.81
CA HIS A 193 -14.73 -2.24 14.66
C HIS A 193 -15.55 -3.15 13.77
N PRO A 194 -14.93 -4.19 13.13
CA PRO A 194 -15.70 -5.04 12.23
C PRO A 194 -16.66 -6.03 12.90
N PHE A 195 -16.43 -6.36 14.17
CA PHE A 195 -17.09 -7.49 14.89
C PHE A 195 -18.62 -7.31 14.85
N ALA A 196 -19.07 -6.06 15.03
CA ALA A 196 -20.52 -5.78 15.15
C ALA A 196 -21.21 -5.85 13.78
N SER A 197 -20.48 -6.12 12.69
CA SER A 197 -21.06 -6.36 11.34
C SER A 197 -21.06 -7.86 11.03
N LEU A 198 -20.36 -8.66 11.86
CA LEU A 198 -19.94 -10.03 11.44
C LEU A 198 -20.31 -11.13 12.43
N VAL A 199 -20.58 -10.80 13.71
CA VAL A 199 -20.89 -11.82 14.74
C VAL A 199 -22.04 -11.28 15.58
N LYS A 200 -22.89 -12.18 16.06
CA LYS A 200 -23.98 -11.83 17.02
C LYS A 200 -23.55 -12.31 18.40
N LEU A 201 -23.72 -11.48 19.43
CA LEU A 201 -23.43 -11.86 20.83
C LEU A 201 -24.72 -11.98 21.62
N LYS A 202 -25.05 -13.16 22.14
CA LYS A 202 -26.31 -13.36 22.88
C LYS A 202 -26.28 -12.49 24.14
N ASP A 203 -25.10 -12.17 24.68
CA ASP A 203 -24.98 -11.33 25.90
C ASP A 203 -25.13 -9.85 25.55
N TYR A 204 -24.94 -9.47 24.28
CA TYR A 204 -25.03 -8.04 23.85
C TYR A 204 -25.75 -8.02 22.51
N PRO A 205 -27.03 -8.49 22.47
CA PRO A 205 -27.70 -8.69 21.18
C PRO A 205 -27.88 -7.34 20.48
N PHE A 206 -28.09 -6.27 21.26
CA PHE A 206 -28.26 -4.89 20.77
C PHE A 206 -26.98 -4.31 20.14
N ALA A 207 -25.82 -4.95 20.30
CA ALA A 207 -24.52 -4.38 19.80
C ALA A 207 -24.44 -4.43 18.28
N LEU A 208 -25.17 -5.37 17.65
CA LEU A 208 -25.06 -5.61 16.19
C LEU A 208 -25.39 -4.30 15.46
N GLU A 209 -24.57 -3.90 14.50
CA GLU A 209 -24.51 -2.53 13.90
C GLU A 209 -25.11 -2.56 12.49
N VAL A 210 -25.68 -3.70 12.06
CA VAL A 210 -26.26 -3.89 10.71
C VAL A 210 -27.60 -4.59 10.87
N ASP A 211 -28.50 -4.47 9.90
CA ASP A 211 -29.81 -5.18 10.00
C ASP A 211 -29.60 -6.66 9.68
N GLU A 212 -30.63 -7.46 9.90
CA GLU A 212 -30.57 -8.94 9.72
C GLU A 212 -30.23 -9.28 8.27
N GLU A 213 -30.89 -8.66 7.29
CA GLU A 213 -30.63 -8.94 5.86
C GLU A 213 -29.14 -8.70 5.57
N THR A 214 -28.58 -7.59 6.04
CA THR A 214 -27.16 -7.26 5.76
C THR A 214 -26.24 -8.22 6.53
N PHE A 215 -26.59 -8.56 7.78
CA PHE A 215 -25.83 -9.56 8.56
C PHE A 215 -25.69 -10.85 7.73
N LYS A 216 -26.77 -11.31 7.08
CA LYS A 216 -26.78 -12.58 6.27
C LYS A 216 -25.90 -12.38 5.03
N LYS A 217 -25.94 -11.19 4.42
CA LYS A 217 -25.10 -10.89 3.24
C LYS A 217 -23.63 -10.89 3.69
N ASN A 218 -23.34 -10.36 4.86
CA ASN A 218 -21.96 -10.25 5.38
C ASN A 218 -21.42 -11.67 5.63
N GLU A 219 -22.22 -12.53 6.24
CA GLU A 219 -21.87 -13.96 6.45
C GLU A 219 -21.54 -14.60 5.11
N GLU A 220 -22.43 -14.46 4.13
CA GLU A 220 -22.26 -15.06 2.77
C GLU A 220 -20.96 -14.53 2.16
N MET A 221 -20.70 -13.22 2.18
CA MET A 221 -19.52 -12.63 1.52
C MET A 221 -18.25 -13.11 2.24
N PHE A 222 -18.27 -13.25 3.57
CA PHE A 222 -17.09 -13.76 4.31
C PHE A 222 -16.82 -15.23 3.94
N SER A 223 -17.89 -16.00 3.81
CA SER A 223 -17.77 -17.44 3.45
C SER A 223 -17.24 -17.52 2.01
N PHE A 224 -17.74 -16.68 1.12
CA PHE A 224 -17.28 -16.64 -0.30
C PHE A 224 -15.80 -16.24 -0.36
N LEU A 225 -15.46 -15.16 0.32
CA LEU A 225 -14.10 -14.58 0.30
C LEU A 225 -13.07 -15.61 0.85
N THR A 226 -13.38 -16.30 1.92
CA THR A 226 -12.45 -17.26 2.58
C THR A 226 -12.30 -18.48 1.67
N THR A 227 -13.39 -18.93 1.07
CA THR A 227 -13.41 -20.13 0.19
C THR A 227 -12.58 -19.83 -1.06
N GLU A 228 -12.83 -18.68 -1.69
CA GLU A 228 -12.16 -18.32 -2.97
C GLU A 228 -10.70 -17.98 -2.70
N ALA A 229 -10.41 -17.35 -1.55
CA ALA A 229 -9.02 -17.08 -1.14
C ALA A 229 -8.30 -18.42 -0.89
N GLU A 230 -8.93 -19.33 -0.16
CA GLU A 230 -8.29 -20.61 0.31
C GLU A 230 -7.81 -21.44 -0.89
N LYS A 231 -8.60 -21.54 -1.95
CA LYS A 231 -8.22 -22.40 -3.10
CA LYS A 231 -8.25 -22.37 -3.13
C LYS A 231 -7.10 -21.73 -3.90
N ARG A 232 -6.79 -20.47 -3.61
CA ARG A 232 -5.76 -19.65 -4.27
C ARG A 232 -4.52 -19.51 -3.37
N GLY A 233 -4.52 -20.16 -2.21
CA GLY A 233 -3.40 -20.08 -1.25
C GLY A 233 -3.29 -18.70 -0.60
N ILE A 234 -4.42 -17.98 -0.48
CA ILE A 234 -4.45 -16.62 0.11
C ILE A 234 -5.02 -16.68 1.54
N PHE A 235 -4.22 -16.24 2.51
CA PHE A 235 -4.58 -16.05 3.93
C PHE A 235 -5.34 -14.72 4.09
N VAL A 236 -6.61 -14.82 4.45
CA VAL A 236 -7.44 -13.62 4.71
C VAL A 236 -7.19 -13.19 6.16
N ILE A 237 -7.00 -11.88 6.38
CA ILE A 237 -6.69 -11.29 7.70
C ILE A 237 -7.61 -10.10 7.92
N GLN A 238 -8.26 -10.09 9.08
CA GLN A 238 -9.16 -8.96 9.43
C GLN A 238 -8.36 -8.11 10.38
N MET A 239 -8.19 -6.85 10.01
CA MET A 239 -7.50 -5.84 10.84
C MET A 239 -8.55 -5.10 11.68
N PHE A 240 -8.23 -4.81 12.93
CA PHE A 240 -9.12 -3.97 13.76
C PHE A 240 -8.27 -3.06 14.64
N TYR A 241 -8.83 -1.88 14.89
CA TYR A 241 -8.29 -0.87 15.82
C TYR A 241 -8.92 -1.07 17.20
N ASN A 242 -8.37 -0.36 18.20
CA ASN A 242 -8.78 -0.50 19.61
C ASN A 242 -8.59 0.82 20.33
N ILE A 243 -9.40 1.09 21.37
CA ILE A 243 -10.57 0.35 21.80
C ILE A 243 -11.83 1.03 21.23
N ILE A 244 -12.62 0.31 20.46
CA ILE A 244 -13.81 0.83 19.71
C ILE A 244 -14.97 -0.13 19.98
N VAL A 245 -16.16 0.42 20.23
CA VAL A 245 -17.40 -0.39 20.42
C VAL A 245 -18.40 0.11 19.38
N SER A 246 -19.42 -0.69 19.11
CA SER A 246 -20.42 -0.43 18.05
C SER A 246 -21.25 0.78 18.52
N LYS A 247 -21.82 1.52 17.57
CA LYS A 247 -22.68 2.67 17.91
C LYS A 247 -23.84 2.18 18.79
N PRO A 248 -24.60 1.11 18.43
CA PRO A 248 -25.72 0.68 19.27
C PRO A 248 -25.30 0.19 20.66
N PHE A 249 -24.10 -0.38 20.78
CA PHE A 249 -23.55 -0.78 22.10
C PHE A 249 -23.35 0.49 22.91
N ALA A 250 -22.67 1.46 22.33
CA ALA A 250 -22.30 2.73 22.98
C ALA A 250 -23.58 3.45 23.43
N ASP A 251 -24.57 3.51 22.55
CA ASP A 251 -25.84 4.24 22.85
C ASP A 251 -26.63 3.50 23.93
N HIS A 252 -26.64 2.17 23.92
CA HIS A 252 -27.27 1.37 25.00
C HIS A 252 -26.72 1.79 26.37
N TYR A 253 -25.40 1.92 26.50
CA TYR A 253 -24.71 2.15 27.81
C TYR A 253 -24.43 3.64 28.06
N GLY A 254 -24.71 4.51 27.09
CA GLY A 254 -24.53 5.96 27.29
C GLY A 254 -23.06 6.31 27.31
N ILE A 255 -22.28 5.63 26.45
CA ILE A 255 -20.81 5.83 26.34
C ILE A 255 -20.41 6.21 24.92
N LYS A 256 -19.15 6.63 24.76
CA LYS A 256 -18.59 6.96 23.43
C LYS A 256 -18.21 5.65 22.73
N THR A 257 -18.34 5.62 21.39
CA THR A 257 -17.81 4.50 20.56
C THR A 257 -16.32 4.37 20.78
N GLN A 258 -15.60 5.47 20.98
CA GLN A 258 -14.14 5.42 21.22
C GLN A 258 -13.70 6.68 21.92
N ASP A 259 -12.67 6.57 22.75
CA ASP A 259 -12.14 7.71 23.52
C ASP A 259 -10.76 7.30 24.03
N ARG A 260 -9.71 7.85 23.43
CA ARG A 260 -8.30 7.59 23.83
C ARG A 260 -8.14 7.83 25.33
N ASN A 261 -8.85 8.79 25.92
CA ASN A 261 -8.70 9.14 27.36
C ASN A 261 -9.53 8.23 28.26
N ARG A 262 -10.31 7.30 27.70
CA ARG A 262 -11.16 6.43 28.52
C ARG A 262 -10.33 5.21 28.90
N PRO A 263 -10.16 4.94 30.20
CA PRO A 263 -9.44 3.74 30.64
C PRO A 263 -10.17 2.44 30.28
N ILE A 264 -9.47 1.32 30.32
CA ILE A 264 -10.08 -0.02 30.14
C ILE A 264 -11.19 -0.21 31.17
N THR A 265 -12.37 -0.69 30.77
CA THR A 265 -13.46 -1.02 31.71
C THR A 265 -13.81 -2.50 31.56
N PRO A 266 -14.24 -3.15 32.65
CA PRO A 266 -14.69 -4.54 32.61
C PRO A 266 -15.75 -4.82 31.55
N LEU A 267 -16.70 -3.88 31.42
CA LEU A 267 -17.82 -4.03 30.47
C LEU A 267 -17.25 -4.08 29.06
N ILE A 268 -16.41 -3.11 28.69
CA ILE A 268 -15.89 -3.00 27.30
C ILE A 268 -14.93 -4.18 27.07
N SER A 269 -14.16 -4.55 28.08
CA SER A 269 -13.31 -5.75 28.01
C SER A 269 -14.16 -6.99 27.69
N ASP A 270 -15.28 -7.18 28.38
CA ASP A 270 -16.12 -8.38 28.18
C ASP A 270 -16.71 -8.39 26.78
N TYR A 271 -17.29 -7.28 26.35
CA TYR A 271 -17.84 -7.15 24.98
C TYR A 271 -16.74 -7.51 23.96
N THR A 272 -15.53 -7.02 24.16
CA THR A 272 -14.49 -7.17 23.13
C THR A 272 -13.99 -8.62 23.16
N ARG A 273 -13.74 -9.13 24.35
CA ARG A 273 -13.30 -10.54 24.48
C ARG A 273 -14.31 -11.46 23.78
N LYS A 274 -15.60 -11.28 24.07
CA LYS A 274 -16.63 -12.15 23.48
C LYS A 274 -16.74 -11.91 21.97
N SER A 275 -16.62 -10.66 21.51
CA SER A 275 -16.61 -10.33 20.06
C SER A 275 -15.47 -11.12 19.37
N VAL A 276 -14.27 -11.09 19.95
CA VAL A 276 -13.08 -11.73 19.37
C VAL A 276 -13.29 -13.27 19.42
N ALA A 277 -13.78 -13.84 20.52
CA ALA A 277 -13.97 -15.31 20.61
C ALA A 277 -14.99 -15.75 19.56
N ALA A 278 -16.04 -14.94 19.32
CA ALA A 278 -17.12 -15.28 18.37
C ALA A 278 -16.53 -15.28 16.95
N PHE A 279 -15.71 -14.28 16.63
CA PHE A 279 -15.07 -14.12 15.31
C PHE A 279 -14.19 -15.35 15.04
N ILE A 280 -13.37 -15.71 16.04
CA ILE A 280 -12.45 -16.88 15.88
C ILE A 280 -13.26 -18.13 15.55
N GLU A 281 -14.32 -18.39 16.31
CA GLU A 281 -15.22 -19.54 16.16
C GLU A 281 -15.88 -19.51 14.78
N LYS A 282 -16.42 -18.35 14.38
CA LYS A 282 -17.29 -18.27 13.17
C LYS A 282 -16.44 -18.30 11.90
N TYR A 283 -15.25 -17.72 11.93
CA TYR A 283 -14.38 -17.58 10.74
C TYR A 283 -13.00 -18.13 11.10
N PRO A 284 -12.91 -19.45 11.33
CA PRO A 284 -11.71 -20.07 11.92
C PRO A 284 -10.40 -19.96 11.12
N ASN A 285 -10.45 -19.67 9.82
CA ASN A 285 -9.21 -19.56 8.99
C ASN A 285 -8.79 -18.09 8.79
N VAL A 286 -9.54 -17.14 9.35
CA VAL A 286 -9.23 -15.70 9.14
C VAL A 286 -8.29 -15.23 10.25
N GLY A 287 -7.20 -14.59 9.86
CA GLY A 287 -6.22 -14.04 10.79
C GLY A 287 -6.72 -12.76 11.41
N LEU A 288 -6.09 -12.35 12.48
CA LEU A 288 -6.33 -11.03 13.12
C LEU A 288 -5.06 -10.19 13.03
N LEU A 289 -5.22 -8.93 12.60
CA LEU A 289 -4.16 -7.91 12.67
C LEU A 289 -4.64 -6.89 13.69
N VAL A 290 -3.94 -6.80 14.80
CA VAL A 290 -4.35 -5.97 15.96
C VAL A 290 -3.57 -4.65 15.93
N CYS A 291 -4.28 -3.54 15.93
CA CYS A 291 -3.69 -2.24 16.28
C CYS A 291 -4.09 -1.92 17.71
N LEU A 292 -3.10 -1.82 18.59
CA LEU A 292 -3.33 -1.40 19.99
C LEU A 292 -3.34 0.13 20.02
N GLY A 293 -4.36 0.68 19.38
CA GLY A 293 -4.51 2.10 19.07
C GLY A 293 -5.60 2.28 18.03
N GLU A 294 -6.02 3.54 17.84
CA GLU A 294 -5.45 4.74 18.42
C GLU A 294 -6.29 5.23 19.61
N ALA A 295 -7.16 4.42 20.17
CA ALA A 295 -8.05 4.83 21.29
C ALA A 295 -7.68 4.05 22.57
N ILE A 296 -6.38 3.99 22.86
CA ILE A 296 -5.85 3.49 24.16
C ILE A 296 -4.85 4.54 24.71
N GLY A 297 -4.98 4.85 25.99
CA GLY A 297 -4.33 6.02 26.59
C GLY A 297 -2.85 5.83 26.82
N THR A 298 -2.43 4.63 27.20
CA THR A 298 -1.04 4.37 27.66
C THR A 298 -0.51 3.03 27.13
N TYR A 299 0.81 2.88 27.10
CA TYR A 299 1.49 1.61 26.71
C TYR A 299 1.10 0.49 27.69
N GLU A 300 0.96 0.81 28.96
CA GLU A 300 0.60 -0.19 30.00
C GLU A 300 -0.81 -0.69 29.66
N GLU A 301 -1.70 0.20 29.22
CA GLU A 301 -3.08 -0.20 28.84
C GLU A 301 -3.04 -0.99 27.52
N ASP A 302 -2.14 -0.67 26.59
CA ASP A 302 -1.95 -1.49 25.37
C ASP A 302 -1.65 -2.95 25.78
N VAL A 303 -0.70 -3.11 26.69
CA VAL A 303 -0.27 -4.47 27.12
C VAL A 303 -1.45 -5.12 27.81
N GLU A 304 -2.15 -4.38 28.67
CA GLU A 304 -3.25 -4.96 29.48
C GLU A 304 -4.36 -5.39 28.51
N TRP A 305 -4.66 -4.56 27.52
CA TRP A 305 -5.74 -4.86 26.56
C TRP A 305 -5.35 -6.10 25.75
N PHE A 306 -4.13 -6.14 25.26
CA PHE A 306 -3.71 -7.25 24.38
C PHE A 306 -3.69 -8.55 25.21
N THR A 307 -3.10 -8.52 26.40
CA THR A 307 -2.81 -9.76 27.16
C THR A 307 -4.02 -10.25 27.98
N LYS A 308 -4.92 -9.35 28.39
CA LYS A 308 -6.03 -9.75 29.31
C LYS A 308 -7.40 -9.72 28.63
N THR A 309 -7.54 -9.08 27.46
CA THR A 309 -8.83 -9.04 26.70
C THR A 309 -8.69 -9.79 25.36
N ILE A 310 -7.79 -9.38 24.48
CA ILE A 310 -7.72 -9.95 23.10
C ILE A 310 -7.23 -11.40 23.08
N ILE A 311 -6.06 -11.67 23.68
N ILE A 311 -6.06 -11.67 23.68
CA ILE A 311 -5.48 -13.03 23.65
CA ILE A 311 -5.46 -13.03 23.66
C ILE A 311 -6.44 -14.01 24.33
C ILE A 311 -6.41 -14.01 24.35
N PRO A 312 -7.01 -13.70 25.53
CA PRO A 312 -7.99 -14.62 26.13
C PRO A 312 -9.21 -14.87 25.22
N GLY A 313 -9.69 -13.86 24.51
CA GLY A 313 -10.77 -14.06 23.54
C GLY A 313 -10.36 -14.96 22.38
N ILE A 314 -9.14 -14.83 21.90
CA ILE A 314 -8.62 -15.72 20.81
C ILE A 314 -8.55 -17.15 21.38
N LYS A 315 -7.95 -17.32 22.57
CA LYS A 315 -7.84 -18.65 23.24
C LYS A 315 -9.24 -19.24 23.50
N ASP A 316 -10.23 -18.40 23.87
CA ASP A 316 -11.61 -18.85 24.12
C ASP A 316 -12.15 -19.44 22.84
N GLY A 317 -11.95 -18.75 21.70
CA GLY A 317 -12.50 -19.18 20.40
C GLY A 317 -11.85 -20.52 19.98
N LEU A 318 -10.53 -20.56 20.06
CA LEU A 318 -9.80 -21.79 19.68
C LEU A 318 -10.30 -22.93 20.55
N LYS A 319 -10.52 -22.71 21.85
CA LYS A 319 -10.95 -23.80 22.76
C LYS A 319 -12.34 -24.31 22.29
N VAL A 320 -13.24 -23.40 21.90
CA VAL A 320 -14.60 -23.81 21.41
C VAL A 320 -14.46 -24.73 20.19
N LEU A 321 -13.48 -24.44 19.32
CA LEU A 321 -13.23 -25.20 18.08
C LEU A 321 -12.46 -26.50 18.38
N GLY A 322 -12.00 -26.70 19.61
CA GLY A 322 -11.20 -27.88 19.99
C GLY A 322 -9.83 -27.81 19.36
N ARG A 323 -9.31 -26.60 19.17
CA ARG A 323 -8.02 -26.39 18.46
C ARG A 323 -6.94 -26.11 19.47
N THR A 324 -5.84 -26.79 19.26
CA THR A 324 -4.70 -26.85 20.18
C THR A 324 -3.49 -26.26 19.44
N ASP A 325 -3.63 -25.98 18.14
CA ASP A 325 -2.63 -25.17 17.40
C ASP A 325 -2.82 -23.71 17.84
N GLU A 326 -1.75 -22.97 17.75
CA GLU A 326 -1.83 -21.51 17.91
C GLU A 326 -1.60 -20.90 16.54
N PRO A 327 -2.66 -20.51 15.80
CA PRO A 327 -2.48 -19.87 14.51
C PRO A 327 -1.89 -18.47 14.76
N PRO A 328 -1.21 -17.90 13.76
CA PRO A 328 -0.53 -16.62 13.95
C PRO A 328 -1.54 -15.49 14.23
N VAL A 329 -1.18 -14.70 15.22
CA VAL A 329 -1.84 -13.40 15.55
C VAL A 329 -0.86 -12.30 15.23
N LEU A 330 -1.30 -11.33 14.44
CA LEU A 330 -0.39 -10.27 13.92
C LEU A 330 -0.63 -9.01 14.75
N VAL A 331 0.47 -8.38 15.13
CA VAL A 331 0.46 -7.18 16.00
C VAL A 331 1.17 -6.02 15.30
N ARG A 332 0.49 -4.88 15.18
CA ARG A 332 1.11 -3.67 14.60
C ARG A 332 1.99 -3.02 15.68
N ALA A 333 3.07 -2.38 15.26
CA ALA A 333 3.90 -1.52 16.14
C ALA A 333 3.25 -0.15 16.32
N HIS A 334 2.24 0.16 15.52
CA HIS A 334 1.71 1.53 15.42
C HIS A 334 1.06 2.02 16.73
N ASP A 335 1.49 3.18 17.24
CA ASP A 335 0.87 3.80 18.45
C ASP A 335 0.99 2.90 19.68
N THR A 336 2.06 2.12 19.80
CA THR A 336 2.28 1.28 20.99
C THR A 336 3.79 1.16 21.14
N ASP A 337 4.19 0.37 22.13
CA ASP A 337 5.57 -0.14 22.31
C ASP A 337 5.53 -1.62 21.92
N CYS A 338 5.80 -1.92 20.65
CA CYS A 338 5.51 -3.26 20.08
C CYS A 338 6.35 -4.31 20.80
N LYS A 339 7.62 -4.01 21.04
CA LYS A 339 8.52 -4.99 21.69
C LYS A 339 8.01 -5.29 23.11
N MET A 340 7.53 -4.28 23.82
CA MET A 340 7.03 -4.39 25.23
C MET A 340 5.77 -5.26 25.19
N VAL A 341 4.93 -5.07 24.18
CA VAL A 341 3.67 -5.88 24.06
C VAL A 341 4.02 -7.34 23.77
N ILE A 342 4.84 -7.60 22.76
CA ILE A 342 5.27 -8.98 22.38
C ILE A 342 5.97 -9.64 23.56
N ASP A 343 6.87 -8.93 24.25
CA ASP A 343 7.64 -9.54 25.38
C ASP A 343 6.65 -9.97 26.48
N ALA A 344 5.58 -9.23 26.70
CA ALA A 344 4.55 -9.57 27.70
C ALA A 344 3.64 -10.70 27.22
N ALA A 345 3.34 -10.79 25.91
CA ALA A 345 2.33 -11.70 25.34
C ALA A 345 2.92 -13.09 25.06
N LEU A 346 4.21 -13.16 24.74
CA LEU A 346 4.88 -14.41 24.29
C LEU A 346 4.68 -15.53 25.33
N PRO A 347 4.74 -15.28 26.67
CA PRO A 347 4.38 -16.33 27.65
C PRO A 347 2.95 -16.88 27.54
N LEU A 348 1.99 -16.08 27.07
CA LEU A 348 0.57 -16.49 26.95
C LEU A 348 0.27 -17.09 25.57
N TYR A 349 1.00 -16.69 24.53
CA TYR A 349 0.72 -17.04 23.13
C TYR A 349 2.00 -16.92 22.32
N LYS A 350 2.51 -18.05 21.84
CA LYS A 350 3.85 -18.10 21.19
C LYS A 350 3.82 -17.57 19.76
N ASN A 351 2.72 -17.75 19.03
CA ASN A 351 2.70 -17.54 17.55
CA ASN A 351 2.72 -17.53 17.55
C ASN A 351 2.25 -16.10 17.26
N LEU A 352 3.15 -15.15 17.49
CA LEU A 352 2.89 -13.70 17.26
C LEU A 352 3.74 -13.22 16.08
N TYR A 353 3.11 -12.56 15.11
CA TYR A 353 3.84 -11.85 14.03
C TYR A 353 3.79 -10.35 14.35
N THR A 354 4.80 -9.61 13.89
CA THR A 354 4.84 -8.15 14.03
C THR A 354 4.69 -7.50 12.66
N MET A 355 4.25 -6.25 12.69
CA MET A 355 4.16 -5.40 11.49
C MET A 355 4.53 -3.95 11.87
N HIS A 356 5.30 -3.28 11.02
CA HIS A 356 5.74 -1.88 11.23
C HIS A 356 5.87 -1.17 9.89
N LYS A 357 5.53 0.11 9.87
CA LYS A 357 5.53 0.92 8.63
C LYS A 357 6.95 0.99 8.06
N TYR A 358 7.06 0.87 6.76
CA TYR A 358 8.35 0.93 6.02
C TYR A 358 8.95 2.35 6.07
N ASN A 359 8.19 3.36 5.70
CA ASN A 359 8.63 4.79 5.74
C ASN A 359 7.47 5.61 6.34
N GLY A 360 7.07 5.30 7.56
CA GLY A 360 5.86 5.92 8.14
C GLY A 360 4.69 5.72 7.19
N SER A 361 3.91 6.78 6.93
CA SER A 361 2.71 6.68 6.07
C SER A 361 2.99 7.12 4.62
N SER A 362 4.25 7.07 4.20
CA SER A 362 4.67 7.55 2.87
C SER A 362 5.67 6.55 2.26
N LEU A 363 6.10 6.84 1.05
CA LEU A 363 7.23 6.10 0.43
C LEU A 363 8.28 7.13 0.12
N THR A 364 9.42 7.11 0.84
CA THR A 364 10.42 8.20 0.76
C THR A 364 11.80 7.70 0.33
N THR A 365 12.14 6.43 0.57
CA THR A 365 13.57 6.05 0.43
C THR A 365 13.72 4.52 0.28
N TYR A 366 14.81 4.14 -0.40
CA TYR A 366 15.34 2.76 -0.39
C TYR A 366 16.65 2.80 0.42
N GLU A 367 16.92 3.90 1.15
CA GLU A 367 18.04 3.96 2.13
C GLU A 367 17.52 4.41 3.50
N PRO A 368 16.57 3.67 4.12
CA PRO A 368 16.06 4.03 5.44
C PRO A 368 17.15 3.79 6.49
N ARG A 369 16.98 4.40 7.65
CA ARG A 369 18.01 4.37 8.71
C ARG A 369 17.41 4.84 10.04
N GLY A 370 18.26 5.18 11.02
CA GLY A 370 17.85 5.96 12.19
C GLY A 370 16.95 5.20 13.19
N PRO A 371 16.26 5.93 14.08
CA PRO A 371 15.54 5.28 15.17
C PRO A 371 14.41 4.35 14.71
N TRP A 372 13.74 4.67 13.60
CA TRP A 372 12.66 3.80 13.08
C TRP A 372 13.24 2.48 12.54
N ALA A 373 14.42 2.50 11.95
CA ALA A 373 15.10 1.27 11.49
C ALA A 373 15.39 0.38 12.71
N LYS A 374 15.74 0.99 13.83
CA LYS A 374 16.09 0.26 15.08
C LYS A 374 14.85 -0.43 15.64
N ILE A 375 13.66 0.18 15.51
CA ILE A 375 12.39 -0.51 15.89
C ILE A 375 12.21 -1.74 14.99
N HIS A 376 12.36 -1.61 13.68
CA HIS A 376 12.29 -2.77 12.75
C HIS A 376 13.24 -3.86 13.22
N LYS A 377 14.48 -3.48 13.48
CA LYS A 377 15.55 -4.47 13.76
C LYS A 377 15.20 -5.22 15.04
N ASP A 378 14.68 -4.51 16.05
CA ASP A 378 14.36 -5.11 17.36
C ASP A 378 13.19 -6.08 17.22
N LEU A 379 12.17 -5.78 16.41
CA LEU A 379 11.04 -6.71 16.16
C LEU A 379 11.52 -7.88 15.30
N SER A 380 12.34 -7.61 14.30
CA SER A 380 12.96 -8.64 13.41
C SER A 380 13.73 -9.63 14.28
N SER A 381 14.32 -9.16 15.38
CA SER A 381 15.24 -9.99 16.21
C SER A 381 14.44 -10.99 17.07
N LEU A 382 13.11 -10.94 17.09
CA LEU A 382 12.29 -11.95 17.81
C LEU A 382 12.36 -13.32 17.13
N GLY A 383 12.86 -13.43 15.90
CA GLY A 383 12.98 -14.70 15.16
C GLY A 383 11.64 -15.28 14.72
N SER A 384 10.66 -14.43 14.41
CA SER A 384 9.34 -14.84 13.88
C SER A 384 9.19 -14.23 12.47
N VAL A 385 7.99 -13.86 12.11
CA VAL A 385 7.67 -13.11 10.88
C VAL A 385 7.52 -11.64 11.30
N HIS A 386 8.31 -10.81 10.68
CA HIS A 386 8.23 -9.35 10.77
C HIS A 386 7.81 -8.81 9.41
N ILE A 387 6.66 -8.08 9.40
CA ILE A 387 6.00 -7.67 8.14
C ILE A 387 6.26 -6.17 7.90
N SER A 388 6.86 -5.84 6.76
CA SER A 388 7.06 -4.42 6.35
C SER A 388 5.74 -3.93 5.80
N ASN A 389 5.22 -2.82 6.33
CA ASN A 389 3.90 -2.29 5.87
C ASN A 389 4.19 -1.02 5.07
N VAL A 390 4.03 -1.07 3.75
CA VAL A 390 4.14 0.13 2.87
C VAL A 390 2.78 0.85 3.03
N HIS A 391 2.74 1.85 3.89
CA HIS A 391 1.50 2.31 4.56
C HIS A 391 0.99 3.64 3.96
N ILE A 392 -0.25 3.64 3.48
CA ILE A 392 -1.06 4.87 3.12
C ILE A 392 -0.55 5.63 1.89
N LEU A 393 0.76 5.85 1.74
CA LEU A 393 1.34 6.47 0.52
C LEU A 393 0.75 7.90 0.41
N ALA A 394 0.86 8.64 1.50
CA ALA A 394 0.33 10.03 1.58
C ALA A 394 0.95 10.86 0.46
N ASN A 395 2.26 10.66 0.23
CA ASN A 395 3.02 11.54 -0.69
C ASN A 395 2.82 11.16 -2.16
N LEU A 396 2.19 10.02 -2.46
CA LEU A 396 1.98 9.56 -3.84
C LEU A 396 0.59 9.95 -4.34
N GLU A 397 -0.34 10.34 -3.45
CA GLU A 397 -1.75 10.58 -3.89
C GLU A 397 -1.78 11.83 -4.78
N PRO A 398 -2.48 11.82 -5.94
CA PRO A 398 -3.22 10.68 -6.47
C PRO A 398 -2.69 10.02 -7.76
N TRP A 399 -1.59 10.55 -8.26
CA TRP A 399 -1.01 10.25 -9.60
C TRP A 399 -0.44 8.80 -9.62
N ARG A 400 -0.31 8.29 -10.82
CA ARG A 400 0.26 6.93 -11.05
C ARG A 400 1.70 6.89 -10.47
N TRP A 401 2.03 5.79 -9.83
CA TRP A 401 3.40 5.54 -9.33
C TRP A 401 3.66 4.04 -9.35
N SER A 402 4.81 3.59 -9.92
CA SER A 402 5.14 2.16 -9.95
C SER A 402 6.52 2.05 -10.61
N SER A 403 7.53 2.45 -9.86
CA SER A 403 8.95 2.40 -10.26
C SER A 403 9.55 1.03 -9.89
N PRO A 404 9.79 0.15 -10.89
CA PRO A 404 10.41 -1.14 -10.60
C PRO A 404 11.71 -1.00 -9.83
N ASP A 405 12.56 -0.07 -10.26
CA ASP A 405 13.88 0.18 -9.63
C ASP A 405 13.66 0.60 -8.18
N PHE A 406 12.78 1.59 -7.93
CA PHE A 406 12.55 2.03 -6.54
C PHE A 406 12.00 0.91 -5.65
N ILE A 407 11.03 0.15 -6.16
CA ILE A 407 10.37 -0.95 -5.41
C ILE A 407 11.41 -2.05 -5.12
N GLN A 408 12.29 -2.37 -6.08
CA GLN A 408 13.30 -3.42 -5.88
C GLN A 408 14.29 -3.01 -4.78
N LYS A 409 14.78 -1.77 -4.83
CA LYS A 409 15.77 -1.28 -3.84
C LYS A 409 15.13 -1.20 -2.46
N SER A 410 13.84 -0.83 -2.41
CA SER A 410 13.06 -0.77 -1.17
C SER A 410 12.97 -2.16 -0.55
N VAL A 411 12.58 -3.18 -1.33
CA VAL A 411 12.49 -4.55 -0.76
C VAL A 411 13.89 -5.00 -0.31
N LYS A 412 14.91 -4.65 -1.05
CA LYS A 412 16.30 -4.97 -0.61
C LYS A 412 16.56 -4.34 0.77
N ALA A 413 16.16 -3.09 0.98
CA ALA A 413 16.37 -2.40 2.28
C ALA A 413 15.50 -3.04 3.36
N MET A 414 14.30 -3.49 3.00
CA MET A 414 13.43 -4.18 3.98
C MET A 414 14.18 -5.37 4.58
N HIS A 415 14.90 -6.12 3.71
CA HIS A 415 15.77 -7.24 4.17
C HIS A 415 16.98 -6.70 4.95
N SER A 416 17.74 -5.80 4.33
CA SER A 416 19.12 -5.45 4.76
C SER A 416 19.13 -4.45 5.92
N VAL A 417 18.15 -3.54 5.97
CA VAL A 417 18.13 -2.49 7.03
C VAL A 417 17.12 -2.89 8.11
N HIS A 418 15.96 -3.42 7.72
CA HIS A 418 14.83 -3.67 8.65
C HIS A 418 14.74 -5.14 9.12
N GLY A 419 15.38 -6.10 8.44
CA GLY A 419 15.22 -7.53 8.74
C GLY A 419 13.80 -8.06 8.58
N ALA A 420 12.95 -7.37 7.80
CA ALA A 420 11.61 -7.87 7.47
C ALA A 420 11.72 -9.09 6.54
N ASN A 421 10.88 -10.08 6.78
CA ASN A 421 10.75 -11.30 5.94
C ASN A 421 9.33 -11.41 5.41
N ALA A 422 8.61 -10.27 5.35
CA ALA A 422 7.21 -10.27 4.88
C ALA A 422 6.83 -8.85 4.50
N LEU A 423 5.79 -8.74 3.67
CA LEU A 423 5.36 -7.49 3.03
C LEU A 423 3.85 -7.38 3.09
N HIS A 424 3.39 -6.19 3.51
CA HIS A 424 1.98 -5.73 3.47
C HIS A 424 1.97 -4.41 2.69
N ILE A 425 1.36 -4.36 1.52
CA ILE A 425 1.27 -3.07 0.76
C ILE A 425 -0.17 -2.52 0.80
N TYR A 426 -0.27 -1.21 1.00
CA TYR A 426 -1.51 -0.47 0.74
C TYR A 426 -1.71 -0.38 -0.77
N PRO A 427 -2.92 0.03 -1.21
CA PRO A 427 -3.13 0.54 -2.55
C PRO A 427 -2.20 1.73 -2.82
N GLN A 428 -1.82 1.93 -4.07
CA GLN A 428 -0.76 2.89 -4.46
C GLN A 428 -1.21 4.31 -4.12
N ALA A 429 -2.52 4.53 -4.15
CA ALA A 429 -3.17 5.84 -3.85
C ALA A 429 -4.65 5.60 -3.66
N ASN A 430 -5.32 6.51 -2.95
CA ASN A 430 -6.78 6.50 -2.90
C ASN A 430 -7.29 5.37 -2.00
N TYR A 431 -6.52 5.00 -0.99
CA TYR A 431 -6.91 4.00 0.03
C TYR A 431 -8.35 4.21 0.53
N TRP A 432 -8.71 5.45 0.87
CA TRP A 432 -10.00 5.67 1.57
C TRP A 432 -11.17 5.62 0.56
N ASP A 433 -10.89 5.44 -0.72
CA ASP A 433 -11.94 5.53 -1.78
C ASP A 433 -11.88 4.26 -2.65
N TRP A 434 -11.55 3.15 -2.02
CA TRP A 434 -11.65 1.83 -2.71
C TRP A 434 -13.05 1.64 -3.26
N PRO A 435 -13.26 1.01 -4.43
CA PRO A 435 -12.23 0.40 -5.30
C PRO A 435 -11.68 1.30 -6.41
N TYR A 436 -11.88 2.62 -6.32
CA TYR A 436 -11.64 3.52 -7.45
C TYR A 436 -10.36 4.35 -7.21
N THR A 437 -9.79 4.83 -8.29
CA THR A 437 -8.70 5.85 -8.28
C THR A 437 -9.36 7.24 -8.21
N ALA A 438 -8.54 8.28 -8.03
CA ALA A 438 -9.01 9.68 -8.07
C ALA A 438 -9.19 10.20 -9.50
N ASP A 439 -8.91 9.42 -10.55
CA ASP A 439 -9.03 9.87 -11.94
C ASP A 439 -10.49 10.29 -12.20
N LYS A 440 -10.66 11.37 -12.95
CA LYS A 440 -11.96 11.80 -13.49
C LYS A 440 -11.98 11.37 -14.97
N LEU A 441 -12.88 10.48 -15.30
CA LEU A 441 -13.05 9.99 -16.68
C LEU A 441 -14.25 10.72 -17.30
N ALA A 442 -14.29 10.76 -18.62
CA ALA A 442 -15.25 11.52 -19.44
C ALA A 442 -16.67 11.11 -19.11
N ASN A 443 -16.90 9.85 -18.78
CA ASN A 443 -18.28 9.28 -18.77
C ASN A 443 -19.01 9.66 -17.46
N GLY A 444 -18.34 10.27 -16.48
CA GLY A 444 -18.74 10.21 -15.05
C GLY A 444 -18.34 8.85 -14.48
N GLU A 445 -17.67 8.04 -15.32
CA GLU A 445 -17.19 6.68 -15.02
C GLU A 445 -16.03 6.79 -14.01
N ARG A 446 -15.89 5.82 -13.10
CA ARG A 446 -14.75 5.78 -12.18
C ARG A 446 -13.74 4.75 -12.71
N GLU A 447 -12.47 5.00 -12.48
CA GLU A 447 -11.38 4.10 -12.87
C GLU A 447 -11.12 3.14 -11.71
N GLU A 448 -10.93 1.86 -12.02
CA GLU A 448 -10.64 0.80 -11.00
C GLU A 448 -9.16 0.85 -10.62
N GLN A 449 -8.86 0.78 -9.33
CA GLN A 449 -7.47 0.69 -8.83
C GLN A 449 -6.85 -0.62 -9.33
N VAL A 450 -7.63 -1.67 -9.40
CA VAL A 450 -7.09 -2.97 -9.84
C VAL A 450 -6.56 -2.84 -11.28
N TYR A 451 -7.28 -2.15 -12.15
CA TYR A 451 -6.88 -1.88 -13.56
C TYR A 451 -5.68 -0.93 -13.60
N ARG A 452 -5.77 0.22 -12.92
CA ARG A 452 -4.76 1.26 -13.05
C ARG A 452 -3.41 0.84 -12.44
N ASP A 453 -3.43 0.23 -11.28
CA ASP A 453 -2.26 0.09 -10.40
C ASP A 453 -1.68 -1.32 -10.58
N TRP A 454 -1.96 -1.93 -11.72
CA TRP A 454 -1.49 -3.32 -11.98
C TRP A 454 0.02 -3.47 -11.77
N ALA A 455 0.81 -2.49 -12.18
CA ALA A 455 2.30 -2.59 -12.11
C ALA A 455 2.78 -2.41 -10.66
N TRP A 456 2.08 -1.60 -9.84
CA TRP A 456 2.36 -1.50 -8.39
C TRP A 456 2.25 -2.88 -7.75
N TYR A 457 1.11 -3.54 -7.88
CA TYR A 457 0.92 -4.89 -7.28
C TYR A 457 1.96 -5.86 -7.87
N LYS A 458 2.16 -5.81 -9.18
CA LYS A 458 3.06 -6.78 -9.87
C LYS A 458 4.50 -6.59 -9.35
N ALA A 459 4.97 -5.35 -9.26
CA ALA A 459 6.36 -5.07 -8.84
C ALA A 459 6.58 -5.47 -7.38
N TRP A 460 5.73 -5.05 -6.45
CA TRP A 460 5.87 -5.46 -5.03
C TRP A 460 5.85 -6.98 -4.94
N GLY A 461 4.91 -7.64 -5.63
CA GLY A 461 4.84 -9.10 -5.63
C GLY A 461 6.15 -9.70 -6.12
N ARG A 462 6.65 -9.15 -7.21
CA ARG A 462 7.85 -9.70 -7.88
C ARG A 462 9.04 -9.66 -6.91
N TYR A 463 9.29 -8.53 -6.28
CA TYR A 463 10.49 -8.33 -5.45
C TYR A 463 10.32 -8.98 -4.08
N ALA A 464 9.09 -9.11 -3.59
CA ALA A 464 8.81 -9.87 -2.35
C ALA A 464 9.12 -11.34 -2.60
N TRP A 465 8.85 -11.79 -3.81
CA TRP A 465 9.17 -13.20 -4.19
C TRP A 465 10.67 -13.35 -4.25
N LYS A 466 11.37 -12.43 -4.91
CA LYS A 466 12.84 -12.48 -5.06
C LYS A 466 13.35 -11.06 -5.29
N ALA A 467 14.13 -10.54 -4.36
CA ALA A 467 14.59 -9.14 -4.32
C ALA A 467 15.81 -8.95 -5.23
N ASP A 468 16.78 -9.87 -5.14
CA ASP A 468 18.06 -9.79 -5.87
C ASP A 468 17.81 -10.46 -7.23
N ARG A 469 17.46 -9.66 -8.19
CA ARG A 469 17.30 -9.99 -9.61
C ARG A 469 18.20 -9.05 -10.39
N ASN A 470 18.96 -9.55 -11.34
CA ASN A 470 19.87 -8.74 -12.15
C ASN A 470 19.08 -7.58 -12.78
N ARG A 471 19.61 -6.38 -12.67
CA ARG A 471 18.88 -5.16 -13.07
C ARG A 471 18.72 -5.08 -14.60
N LEU A 472 19.75 -5.48 -15.38
CA LEU A 472 19.60 -5.49 -16.85
C LEU A 472 18.50 -6.48 -17.23
N GLU A 473 18.36 -7.62 -16.55
CA GLU A 473 17.30 -8.59 -16.90
C GLU A 473 15.97 -7.98 -16.50
N GLU A 474 15.94 -7.26 -15.39
CA GLU A 474 14.69 -6.65 -14.88
C GLU A 474 14.20 -5.58 -15.86
N ILE A 475 15.11 -4.82 -16.44
CA ILE A 475 14.77 -3.81 -17.48
C ILE A 475 14.11 -4.54 -18.64
N LYS A 476 14.67 -5.68 -19.10
CA LYS A 476 14.07 -6.44 -20.22
C LYS A 476 12.68 -6.93 -19.83
N TYR A 477 12.55 -7.40 -18.58
CA TYR A 477 11.29 -8.00 -18.07
C TYR A 477 10.21 -6.91 -18.11
N TRP A 478 10.55 -5.78 -17.52
CA TRP A 478 9.54 -4.67 -17.38
C TRP A 478 9.25 -4.04 -18.75
N ASP A 479 10.25 -3.94 -19.62
CA ASP A 479 10.02 -3.40 -20.98
C ASP A 479 8.99 -4.27 -21.69
N LYS A 480 9.07 -5.58 -21.51
CA LYS A 480 8.13 -6.51 -22.14
C LYS A 480 6.76 -6.39 -21.47
N GLN A 481 6.68 -6.23 -20.14
CA GLN A 481 5.36 -6.11 -19.44
C GLN A 481 4.64 -4.85 -19.94
N PHE A 482 5.35 -3.73 -19.98
CA PHE A 482 4.75 -2.44 -20.41
C PHE A 482 4.40 -2.52 -21.88
N GLY A 483 5.29 -3.09 -22.69
CA GLY A 483 5.07 -3.26 -24.13
C GLY A 483 3.83 -4.07 -24.41
N ASP A 484 3.64 -5.18 -23.69
CA ASP A 484 2.44 -6.04 -23.81
C ASP A 484 1.18 -5.27 -23.37
N PHE A 485 1.24 -4.53 -22.28
CA PHE A 485 0.04 -3.80 -21.76
C PHE A 485 -0.40 -2.77 -22.80
N TYR A 486 0.52 -2.06 -23.42
CA TYR A 486 0.20 -0.93 -24.33
C TYR A 486 0.32 -1.32 -25.82
N GLY A 487 0.62 -2.58 -26.14
CA GLY A 487 0.80 -2.98 -27.55
C GLY A 487 1.87 -2.15 -28.23
N ILE A 488 3.06 -2.11 -27.63
CA ILE A 488 4.26 -1.35 -28.08
C ILE A 488 5.41 -2.36 -28.09
N PRO A 489 6.34 -2.31 -29.06
CA PRO A 489 7.56 -3.13 -28.96
C PRO A 489 8.36 -2.87 -27.68
N ALA A 490 8.91 -3.91 -27.05
CA ALA A 490 9.74 -3.80 -25.81
C ALA A 490 10.70 -2.58 -25.91
N GLU A 491 11.30 -2.33 -27.10
CA GLU A 491 12.34 -1.26 -27.35
C GLU A 491 11.72 0.13 -27.12
N MET A 492 10.58 0.39 -27.79
CA MET A 492 9.80 1.64 -27.59
C MET A 492 9.31 1.67 -26.15
N ALA A 493 8.97 0.52 -25.58
CA ALA A 493 8.29 0.39 -24.26
C ALA A 493 9.26 0.76 -23.14
N ASP A 494 10.56 0.72 -23.43
CA ASP A 494 11.61 1.17 -22.48
C ASP A 494 11.27 2.59 -22.04
N ASN A 495 10.61 3.38 -22.88
CA ASN A 495 10.24 4.78 -22.51
C ASN A 495 9.18 4.81 -21.40
N ILE A 496 8.35 3.79 -21.30
CA ILE A 496 7.33 3.71 -20.21
C ILE A 496 8.03 3.43 -18.87
N ARG A 497 8.96 2.48 -18.86
CA ARG A 497 9.77 2.18 -17.68
C ARG A 497 10.47 3.47 -17.24
N ILE A 498 11.11 4.19 -18.17
CA ILE A 498 11.93 5.40 -17.83
C ILE A 498 10.99 6.43 -17.18
N ALA A 499 9.79 6.61 -17.74
CA ALA A 499 8.82 7.58 -17.20
C ALA A 499 8.53 7.23 -15.74
N TYR A 500 8.22 5.97 -15.45
CA TYR A 500 7.96 5.50 -14.07
C TYR A 500 9.18 5.71 -13.18
N GLU A 501 10.36 5.35 -13.69
CA GLU A 501 11.55 5.34 -12.79
C GLU A 501 12.03 6.77 -12.57
N GLU A 502 11.84 7.69 -13.52
CA GLU A 502 12.26 9.11 -13.37
C GLU A 502 11.21 9.80 -12.49
N SER A 503 9.93 9.69 -12.86
CA SER A 503 8.84 10.35 -12.08
C SER A 503 8.80 9.77 -10.66
N GLY A 504 9.16 8.48 -10.52
CA GLY A 504 9.03 7.79 -9.26
C GLY A 504 9.91 8.34 -8.15
N GLU A 505 10.97 9.08 -8.48
CA GLU A 505 11.91 9.66 -7.47
C GLU A 505 11.40 11.01 -6.92
N ILE A 506 10.40 11.62 -7.56
CA ILE A 506 10.01 13.04 -7.28
C ILE A 506 9.36 13.17 -5.89
N ALA A 507 8.28 12.44 -5.65
CA ALA A 507 7.51 12.54 -4.38
C ALA A 507 8.34 12.00 -3.22
N PRO A 508 9.08 10.87 -3.38
CA PRO A 508 9.96 10.46 -2.29
C PRO A 508 11.05 11.50 -1.91
N LYS A 509 11.79 12.03 -2.88
CA LYS A 509 12.89 13.00 -2.63
C LYS A 509 12.30 14.29 -2.01
N LEU A 510 11.25 14.82 -2.59
CA LEU A 510 10.71 16.11 -2.08
C LEU A 510 10.17 15.91 -0.67
N LEU A 511 9.43 14.86 -0.38
CA LEU A 511 8.88 14.71 0.99
C LEU A 511 10.01 14.56 1.99
N ARG A 512 11.06 13.76 1.70
CA ARG A 512 12.02 13.51 2.78
C ARG A 512 12.86 14.78 3.05
N ARG A 513 13.05 15.63 2.05
CA ARG A 513 13.99 16.76 2.07
C ARG A 513 13.24 18.03 2.53
N PHE A 514 11.92 18.11 2.31
CA PHE A 514 11.14 19.36 2.57
C PHE A 514 9.80 19.10 3.28
N GLY A 515 9.35 17.85 3.43
CA GLY A 515 8.06 17.55 4.03
C GLY A 515 8.00 17.94 5.50
N ILE A 516 6.77 18.19 5.95
CA ILE A 516 6.53 18.41 7.38
C ILE A 516 6.46 17.06 8.07
N THR A 517 5.89 16.07 7.40
CA THR A 517 5.60 14.74 7.98
C THR A 517 5.48 13.72 6.84
N GLU A 518 5.75 12.44 7.15
CA GLU A 518 5.40 11.31 6.26
C GLU A 518 3.93 10.93 6.44
N GLY A 519 3.20 11.61 7.36
CA GLY A 519 1.82 11.22 7.68
C GLY A 519 0.86 11.73 6.61
N ASN A 520 -0.37 11.21 6.59
CA ASN A 520 -1.42 11.76 5.70
C ASN A 520 -1.94 13.08 6.27
N ARG A 521 -1.41 13.52 7.40
CA ARG A 521 -1.60 14.92 7.85
C ARG A 521 -1.12 15.85 6.72
N GLN A 522 -0.19 15.40 5.85
CA GLN A 522 0.24 16.17 4.66
C GLN A 522 -0.22 15.47 3.37
N THR A 523 -0.61 16.25 2.37
CA THR A 523 -0.86 15.83 0.98
C THR A 523 0.20 16.52 0.15
N LEU A 524 1.35 15.89 -0.01
CA LEU A 524 2.49 16.50 -0.73
C LEU A 524 2.06 17.09 -2.08
N LEU A 525 1.32 16.36 -2.94
CA LEU A 525 1.15 16.74 -4.36
C LEU A 525 0.14 17.90 -4.54
N LEU A 526 -0.38 18.43 -3.45
CA LEU A 526 -1.12 19.73 -3.54
C LEU A 526 -0.16 20.90 -3.40
N GLY A 527 1.11 20.62 -3.06
CA GLY A 527 2.17 21.63 -2.94
C GLY A 527 2.34 22.08 -1.52
N MET A 528 3.22 23.04 -1.32
CA MET A 528 3.54 23.61 0.01
C MET A 528 3.60 25.14 -0.09
N PHE A 529 3.27 25.81 1.02
CA PHE A 529 3.46 27.26 1.18
C PHE A 529 4.90 27.62 1.48
N MET A 530 5.31 28.78 1.01
CA MET A 530 6.70 29.28 1.22
C MET A 530 7.03 29.26 2.72
N SER A 531 6.06 29.60 3.56
N SER A 531 6.06 29.59 3.57
CA SER A 531 6.19 29.61 5.04
CA SER A 531 6.26 29.62 5.05
C SER A 531 6.60 28.23 5.59
C SER A 531 6.61 28.22 5.60
N GLN A 532 6.20 27.15 4.91
CA GLN A 532 6.46 25.75 5.35
C GLN A 532 7.90 25.36 5.02
N PHE A 533 8.58 26.10 4.13
CA PHE A 533 10.02 26.00 3.85
C PHE A 533 10.83 26.90 4.80
N VAL A 534 10.35 28.11 5.04
CA VAL A 534 11.06 29.15 5.83
C VAL A 534 10.93 28.86 7.32
N ASN A 535 9.77 28.36 7.75
CA ASN A 535 9.46 28.16 9.20
C ASN A 535 8.85 26.78 9.38
N PRO A 536 9.54 25.68 8.98
CA PRO A 536 8.93 24.37 8.98
C PRO A 536 8.46 23.88 10.35
N TYR A 537 9.18 24.24 11.41
CA TYR A 537 8.88 23.73 12.78
C TYR A 537 7.55 24.30 13.30
N LYS A 538 7.06 25.40 12.73
CA LYS A 538 5.76 25.99 13.11
C LYS A 538 4.67 24.97 12.81
N TYR A 539 4.90 24.07 11.83
CA TYR A 539 3.88 23.15 11.27
C TYR A 539 3.94 21.79 11.95
N THR A 540 4.82 21.63 12.96
CA THR A 540 5.01 20.43 13.82
C THR A 540 5.70 19.31 13.05
N ILE A 541 7.01 19.20 13.25
CA ILE A 541 7.83 18.10 12.71
C ILE A 541 8.24 17.23 13.90
N HIS A 542 7.83 15.97 13.87
CA HIS A 542 8.06 14.97 14.95
C HIS A 542 9.47 14.42 14.77
N TYR A 543 10.18 14.24 15.87
CA TYR A 543 11.43 13.43 15.86
C TYR A 543 11.16 12.05 15.23
N GLY A 544 12.14 11.60 14.43
CA GLY A 544 12.17 10.28 13.80
C GLY A 544 12.02 10.35 12.30
N PHE A 545 11.25 11.32 11.77
CA PHE A 545 10.93 11.43 10.33
C PHE A 545 12.22 11.70 9.56
N TYR A 546 12.83 12.86 9.75
CA TYR A 546 14.06 13.30 9.05
C TYR A 546 15.20 12.35 9.41
N GLU A 547 15.20 11.81 10.62
CA GLU A 547 16.27 10.92 11.14
C GLU A 547 16.17 9.51 10.52
N SER A 548 15.05 9.14 9.87
CA SER A 548 14.78 7.72 9.49
C SER A 548 14.48 7.52 8.01
N CYS A 549 13.90 8.50 7.34
CA CYS A 549 13.16 8.28 6.09
C CYS A 549 14.01 8.62 4.88
N GLY A 550 15.34 8.50 5.02
CA GLY A 550 16.25 8.65 3.90
C GLY A 550 17.65 9.02 4.35
N PRO A 551 18.54 9.35 3.39
CA PRO A 551 19.89 9.79 3.71
C PRO A 551 19.88 10.94 4.72
N GLY A 552 20.88 10.99 5.57
CA GLY A 552 21.15 12.18 6.39
C GLY A 552 21.37 13.40 5.51
N GLY A 553 20.97 14.58 5.98
CA GLY A 553 21.09 15.78 5.15
C GLY A 553 20.62 17.02 5.87
N GLU A 554 20.34 18.06 5.08
CA GLU A 554 20.01 19.40 5.61
C GLU A 554 18.62 19.82 5.13
N LYS A 555 17.82 20.33 6.06
CA LYS A 555 16.64 21.12 5.68
C LYS A 555 17.08 22.42 5.00
N LEU A 556 16.19 23.03 4.21
CA LEU A 556 16.48 24.39 3.68
C LEU A 556 16.88 25.34 4.84
N ILE A 557 16.17 25.39 5.97
CA ILE A 557 16.54 26.33 7.08
C ILE A 557 17.97 26.03 7.55
N GLU A 558 18.34 24.75 7.67
CA GLU A 558 19.68 24.32 8.13
C GLU A 558 20.74 24.73 7.09
N TYR A 559 20.48 24.47 5.81
CA TYR A 559 21.38 24.82 4.70
C TYR A 559 21.69 26.33 4.74
N VAL A 560 20.65 27.16 4.83
CA VAL A 560 20.84 28.64 4.72
C VAL A 560 21.56 29.13 5.97
N GLU A 561 21.22 28.61 7.15
CA GLU A 561 21.90 28.99 8.41
C GLU A 561 23.40 28.70 8.29
N LYS A 562 23.76 27.53 7.76
CA LYS A 562 25.17 27.10 7.59
C LYS A 562 25.86 28.01 6.58
N GLU A 563 25.19 28.44 5.51
CA GLU A 563 25.78 29.40 4.54
C GLU A 563 26.18 30.70 5.24
N TRP A 564 25.31 31.23 6.09
CA TRP A 564 25.55 32.52 6.76
C TRP A 564 26.62 32.36 7.84
N LYS A 565 26.68 31.20 8.48
CA LYS A 565 27.65 30.93 9.58
C LYS A 565 28.91 30.30 8.99
N LYS A 566 28.99 30.18 7.67
CA LYS A 566 30.19 29.65 6.97
C LYS A 566 30.55 28.29 7.58
N GLN A 567 29.54 27.44 7.80
CA GLN A 567 29.68 26.05 8.27
C GLN A 567 29.59 25.10 7.07
N PRO A 568 30.45 24.08 6.97
CA PRO A 568 30.33 23.13 5.87
C PRO A 568 29.03 22.33 5.86
N HIS A 569 28.57 22.02 4.66
CA HIS A 569 27.34 21.23 4.41
C HIS A 569 27.66 19.73 4.44
N VAL A 570 26.72 18.93 4.94
CA VAL A 570 26.89 17.46 5.09
C VAL A 570 25.63 16.77 4.57
N GLY A 571 25.80 15.74 3.75
CA GLY A 571 24.70 14.85 3.38
C GLY A 571 23.88 15.38 2.21
N GLU A 572 22.64 14.94 2.15
CA GLU A 572 21.67 15.30 1.09
C GLU A 572 21.21 16.76 1.26
N LEU A 573 21.47 17.57 0.25
CA LEU A 573 21.30 19.04 0.30
C LEU A 573 20.06 19.43 -0.47
N PRO A 574 19.34 20.46 0.04
CA PRO A 574 18.05 20.76 -0.54
C PRO A 574 18.10 21.32 -1.96
N LEU A 575 19.06 22.18 -2.31
CA LEU A 575 19.16 22.71 -3.70
C LEU A 575 19.58 21.58 -4.66
N ASP A 576 20.36 20.60 -4.19
CA ASP A 576 20.70 19.40 -5.01
C ASP A 576 19.39 18.65 -5.33
N ILE A 577 18.54 18.48 -4.32
CA ILE A 577 17.31 17.66 -4.48
C ILE A 577 16.37 18.39 -5.45
N ILE A 578 16.15 19.70 -5.33
CA ILE A 578 15.21 20.32 -6.30
C ILE A 578 15.79 20.26 -7.72
N ASN A 579 17.10 20.38 -7.89
CA ASN A 579 17.76 20.21 -9.22
C ASN A 579 17.50 18.80 -9.78
N GLN A 580 17.71 17.74 -8.98
CA GLN A 580 17.45 16.35 -9.41
C GLN A 580 15.98 16.22 -9.81
N VAL A 581 15.08 16.82 -9.05
CA VAL A 581 13.63 16.59 -9.21
C VAL A 581 13.13 17.22 -10.52
N ILE A 582 13.61 18.39 -10.89
CA ILE A 582 13.16 19.01 -12.17
C ILE A 582 13.76 18.17 -13.32
N GLU A 583 14.96 17.61 -13.18
CA GLU A 583 15.53 16.72 -14.20
C GLU A 583 14.66 15.44 -14.29
N HIS A 584 14.26 14.84 -13.16
CA HIS A 584 13.33 13.68 -13.16
C HIS A 584 12.07 14.03 -13.96
N GLY A 585 11.49 15.19 -13.66
CA GLY A 585 10.24 15.58 -14.33
C GLY A 585 10.41 15.71 -15.83
N ASP A 586 11.46 16.36 -16.28
CA ASP A 586 11.68 16.62 -17.72
C ASP A 586 11.95 15.28 -18.40
N LYS A 587 12.73 14.42 -17.78
CA LYS A 587 13.07 13.09 -18.40
C LYS A 587 11.82 12.23 -18.47
N ALA A 588 10.93 12.29 -17.47
CA ALA A 588 9.70 11.49 -17.47
C ALA A 588 8.82 11.96 -18.60
N VAL A 589 8.69 13.27 -18.79
CA VAL A 589 7.82 13.82 -19.86
C VAL A 589 8.41 13.42 -21.21
N ALA A 590 9.70 13.62 -21.38
CA ALA A 590 10.34 13.32 -22.69
C ALA A 590 10.10 11.86 -23.03
N ALA A 591 10.28 10.99 -22.07
CA ALA A 591 10.08 9.53 -22.29
C ALA A 591 8.65 9.20 -22.69
N ILE A 592 7.66 9.63 -21.89
CA ILE A 592 6.29 9.16 -22.14
C ILE A 592 5.77 9.78 -23.45
N ASP A 593 6.19 11.01 -23.78
CA ASP A 593 5.72 11.70 -25.01
C ASP A 593 6.16 10.96 -26.27
N LYS A 594 7.23 10.15 -26.19
CA LYS A 594 7.73 9.38 -27.35
C LYS A 594 6.81 8.20 -27.70
N VAL A 595 5.94 7.71 -26.81
CA VAL A 595 5.23 6.40 -27.06
C VAL A 595 3.75 6.61 -27.41
N VAL A 596 3.19 7.77 -27.15
CA VAL A 596 1.70 7.90 -27.27
C VAL A 596 1.26 7.61 -28.72
N SER A 597 2.02 8.04 -29.71
CA SER A 597 1.63 7.84 -31.13
C SER A 597 1.62 6.34 -31.48
N SER A 598 2.17 5.47 -30.63
CA SER A 598 2.55 4.06 -30.98
C SER A 598 1.64 3.03 -30.29
N ALA A 599 0.96 3.38 -29.21
CA ALA A 599 0.23 2.39 -28.37
C ALA A 599 -1.01 1.86 -29.11
N LYS A 600 -1.11 0.56 -29.23
CA LYS A 600 -2.19 -0.13 -29.96
C LYS A 600 -3.17 -0.76 -28.97
N LYS A 601 -2.86 -0.71 -27.68
CA LYS A 601 -3.75 -1.23 -26.59
C LYS A 601 -3.71 -0.24 -25.44
N ASN A 602 -4.82 -0.15 -24.72
CA ASN A 602 -4.96 0.67 -23.51
C ASN A 602 -4.50 2.13 -23.77
N SER A 603 -4.82 2.68 -24.95
N SER A 603 -4.86 2.68 -24.94
CA SER A 603 -4.35 4.01 -25.42
CA SER A 603 -4.39 3.99 -25.49
C SER A 603 -4.84 5.10 -24.47
C SER A 603 -4.89 5.13 -24.58
N ASP A 604 -6.09 5.00 -24.04
CA ASP A 604 -6.69 6.01 -23.17
C ASP A 604 -5.98 6.03 -21.83
N GLU A 605 -5.61 4.88 -21.31
CA GLU A 605 -4.81 4.79 -20.07
C GLU A 605 -3.43 5.43 -20.28
N LEU A 606 -2.77 5.12 -21.42
CA LEU A 606 -1.47 5.73 -21.75
C LEU A 606 -1.58 7.28 -21.77
N ARG A 607 -2.70 7.81 -22.23
CA ARG A 607 -2.89 9.27 -22.33
C ARG A 607 -2.97 9.79 -20.89
N ARG A 608 -3.61 9.05 -20.00
CA ARG A 608 -3.66 9.44 -18.55
C ARG A 608 -2.27 9.31 -17.93
N LEU A 609 -1.49 8.24 -18.21
CA LEU A 609 -0.11 8.19 -17.68
C LEU A 609 0.69 9.39 -18.21
N GLN A 610 0.56 9.74 -19.50
CA GLN A 610 1.25 10.92 -20.09
C GLN A 610 0.85 12.16 -19.28
N ASN A 611 -0.45 12.36 -19.08
CA ASN A 611 -0.92 13.54 -18.34
C ASN A 611 -0.31 13.55 -16.93
N ASP A 612 -0.26 12.40 -16.25
CA ASP A 612 0.36 12.34 -14.90
C ASP A 612 1.82 12.76 -14.97
N MET A 613 2.56 12.39 -16.01
CA MET A 613 3.98 12.80 -16.10
C MET A 613 4.08 14.32 -16.29
N HIS A 614 3.17 14.92 -17.05
CA HIS A 614 3.15 16.39 -17.22
C HIS A 614 2.78 17.03 -15.87
N CYS A 615 1.86 16.44 -15.11
CA CYS A 615 1.53 16.92 -13.74
C CYS A 615 2.79 16.90 -12.89
N TYR A 616 3.53 15.79 -12.87
CA TYR A 616 4.71 15.70 -12.00
C TYR A 616 5.74 16.77 -12.39
N ARG A 617 5.93 17.00 -13.68
CA ARG A 617 6.92 17.97 -14.20
C ARG A 617 6.50 19.40 -13.78
N GLU A 618 5.24 19.78 -13.99
CA GLU A 618 4.77 21.15 -13.57
C GLU A 618 4.86 21.25 -12.07
N TYR A 619 4.48 20.19 -11.35
CA TYR A 619 4.56 20.16 -9.88
C TYR A 619 6.01 20.41 -9.46
N ALA A 620 6.94 19.64 -10.02
CA ALA A 620 8.37 19.77 -9.68
C ALA A 620 8.88 21.21 -9.90
N TYR A 621 8.56 21.82 -11.04
CA TYR A 621 8.97 23.21 -11.38
C TYR A 621 8.34 24.20 -10.38
N ALA A 622 7.06 24.05 -10.08
CA ALA A 622 6.44 24.99 -9.10
C ALA A 622 7.17 24.90 -7.76
N PHE A 623 7.54 23.66 -7.37
CA PHE A 623 8.21 23.37 -6.09
C PHE A 623 9.61 24.01 -6.10
N TYR A 624 10.36 23.74 -7.16
CA TYR A 624 11.73 24.27 -7.40
C TYR A 624 11.74 25.79 -7.20
N TYR A 625 10.81 26.47 -7.85
CA TYR A 625 10.78 27.94 -7.81
C TYR A 625 10.43 28.41 -6.41
N LYS A 626 9.53 27.76 -5.72
CA LYS A 626 9.09 28.20 -4.37
C LYS A 626 10.22 27.97 -3.36
N VAL A 627 10.97 26.89 -3.49
CA VAL A 627 12.10 26.64 -2.57
C VAL A 627 13.15 27.73 -2.79
N LYS A 628 13.45 28.08 -4.05
CA LYS A 628 14.42 29.15 -4.32
C LYS A 628 13.91 30.48 -3.75
N ALA A 629 12.59 30.75 -3.82
CA ALA A 629 12.02 31.96 -3.18
C ALA A 629 12.28 31.93 -1.67
N ALA A 630 11.99 30.79 -1.04
CA ALA A 630 12.15 30.58 0.42
C ALA A 630 13.61 30.83 0.79
N GLN A 631 14.55 30.32 -0.02
CA GLN A 631 16.00 30.57 0.26
C GLN A 631 16.28 32.09 0.36
N HIS A 632 15.75 32.88 -0.56
CA HIS A 632 15.93 34.35 -0.53
C HIS A 632 15.28 34.93 0.74
N VAL A 633 14.10 34.46 1.10
CA VAL A 633 13.41 34.92 2.33
C VAL A 633 14.31 34.60 3.53
N LEU A 634 14.89 33.40 3.60
CA LEU A 634 15.77 33.07 4.72
C LEU A 634 17.04 33.95 4.68
N ASN A 635 17.63 34.20 3.50
CA ASN A 635 18.77 35.13 3.37
C ASN A 635 18.40 36.51 3.94
N TYR A 636 17.19 37.02 3.68
CA TYR A 636 16.72 38.29 4.28
C TYR A 636 16.71 38.19 5.81
N HIS A 637 16.23 37.09 6.39
CA HIS A 637 16.12 36.98 7.87
C HIS A 637 17.53 37.04 8.45
N TRP A 638 18.55 36.50 7.77
CA TRP A 638 19.93 36.43 8.34
C TRP A 638 20.65 37.74 8.10
N GLY A 639 20.59 38.30 6.90
CA GLY A 639 21.39 39.46 6.49
C GLY A 639 20.63 40.78 6.37
N LYS A 640 19.29 40.75 6.30
CA LYS A 640 18.36 41.91 6.24
C LYS A 640 18.56 42.71 4.95
N ASN A 641 19.08 42.12 3.89
CA ASN A 641 19.18 42.79 2.57
C ASN A 641 17.81 42.70 1.89
N MET A 642 17.17 43.84 1.65
CA MET A 642 15.83 43.93 0.99
C MET A 642 15.90 43.36 -0.43
N ASP A 643 17.03 43.45 -1.10
CA ASP A 643 17.22 42.90 -2.46
C ASP A 643 16.83 41.41 -2.46
N GLU A 644 17.00 40.71 -1.33
CA GLU A 644 16.70 39.27 -1.24
C GLU A 644 15.20 39.07 -1.38
N LEU A 645 14.40 39.91 -0.75
CA LEU A 645 12.92 39.81 -0.87
C LEU A 645 12.53 40.17 -2.29
N ASP A 646 13.17 41.16 -2.91
CA ASP A 646 12.84 41.53 -4.31
C ASP A 646 13.15 40.36 -5.24
N LYS A 647 14.24 39.61 -4.98
CA LYS A 647 14.62 38.44 -5.81
C LYS A 647 13.59 37.32 -5.64
N ALA A 648 12.99 37.16 -4.46
CA ALA A 648 12.01 36.10 -4.18
C ALA A 648 10.77 36.28 -5.06
N VAL A 649 10.37 37.52 -5.34
CA VAL A 649 9.06 37.78 -6.00
C VAL A 649 8.98 37.13 -7.38
N PRO A 650 9.91 37.37 -8.33
CA PRO A 650 9.79 36.78 -9.66
C PRO A 650 9.85 35.25 -9.60
N LEU A 651 10.52 34.70 -8.60
CA LEU A 651 10.53 33.23 -8.42
C LEU A 651 9.16 32.72 -7.97
N MET A 652 8.46 33.45 -7.08
CA MET A 652 7.11 33.04 -6.64
C MET A 652 6.14 33.19 -7.82
N GLU A 653 6.35 34.18 -8.71
CA GLU A 653 5.50 34.34 -9.91
C GLU A 653 5.71 33.15 -10.87
N GLU A 654 6.96 32.71 -11.11
CA GLU A 654 7.22 31.53 -11.99
C GLU A 654 6.63 30.27 -11.33
N SER A 655 6.76 30.14 -10.01
CA SER A 655 6.12 29.04 -9.25
C SER A 655 4.63 29.00 -9.58
N LEU A 656 3.98 30.18 -9.50
CA LEU A 656 2.51 30.25 -9.72
C LEU A 656 2.18 29.92 -11.18
N LYS A 657 3.01 30.32 -12.13
CA LYS A 657 2.78 29.98 -13.55
C LYS A 657 2.76 28.45 -13.69
N HIS A 658 3.70 27.74 -13.10
CA HIS A 658 3.75 26.24 -13.17
C HIS A 658 2.54 25.66 -12.42
N TYR A 659 2.19 26.22 -11.25
CA TYR A 659 1.05 25.68 -10.49
C TYR A 659 -0.26 25.92 -11.28
N THR A 660 -0.37 27.06 -11.95
CA THR A 660 -1.53 27.38 -12.83
C THR A 660 -1.62 26.32 -13.93
N LYS A 661 -0.49 25.97 -14.51
CA LYS A 661 -0.48 24.91 -15.57
C LYS A 661 -0.91 23.57 -14.96
N LEU A 662 -0.48 23.25 -13.74
CA LEU A 662 -0.89 22.01 -13.04
C LEU A 662 -2.41 21.97 -12.83
N VAL A 663 -3.00 23.12 -12.48
CA VAL A 663 -4.48 23.23 -12.33
C VAL A 663 -5.12 22.90 -13.69
N ASP A 664 -4.54 23.41 -14.79
CA ASP A 664 -5.13 23.22 -16.14
C ASP A 664 -5.03 21.74 -16.46
N LEU A 665 -3.93 21.08 -16.04
CA LEU A 665 -3.75 19.63 -16.35
C LEU A 665 -4.64 18.74 -15.48
N THR A 666 -5.03 19.17 -14.27
CA THR A 666 -5.81 18.33 -13.34
C THR A 666 -7.32 18.60 -13.46
N LYS A 667 -7.68 19.78 -14.00
CA LYS A 667 -9.08 20.28 -13.99
C LYS A 667 -10.05 19.22 -14.51
N ASP A 668 -9.75 18.61 -15.67
CA ASP A 668 -10.66 17.64 -16.31
C ASP A 668 -10.20 16.19 -16.08
N THR A 669 -9.15 15.95 -15.28
CA THR A 669 -8.53 14.59 -15.20
C THR A 669 -8.48 14.01 -13.79
N TYR A 670 -8.67 14.82 -12.75
CA TYR A 670 -8.69 14.34 -11.35
C TYR A 670 -9.86 14.96 -10.58
N LEU A 671 -10.47 14.15 -9.75
CA LEU A 671 -11.56 14.53 -8.81
C LEU A 671 -10.97 15.31 -7.65
N PHE A 672 -9.80 14.90 -7.19
CA PHE A 672 -9.16 15.39 -5.96
C PHE A 672 -7.78 14.73 -5.86
N ALA A 673 -6.98 15.19 -4.90
CA ALA A 673 -5.65 14.68 -4.52
C ALA A 673 -5.74 13.76 -3.30
N ASN A 674 -5.98 14.29 -2.09
CA ASN A 674 -6.05 13.47 -0.86
C ASN A 674 -7.34 12.65 -0.84
N SER A 675 -7.27 11.38 -0.45
CA SER A 675 -8.48 10.55 -0.22
C SER A 675 -8.97 10.71 1.23
N MET A 676 -8.10 11.09 2.16
CA MET A 676 -8.51 11.33 3.55
C MET A 676 -8.96 12.81 3.62
N GLN A 677 -10.27 13.03 3.53
CA GLN A 677 -10.85 14.35 3.18
C GLN A 677 -11.46 14.93 4.47
N THR A 678 -10.59 15.13 5.46
CA THR A 678 -10.93 15.44 6.87
C THR A 678 -9.97 16.48 7.47
N ALA A 679 -10.42 17.09 8.56
CA ALA A 679 -9.64 18.05 9.37
C ALA A 679 -8.34 17.46 9.90
N GLN A 680 -8.13 16.14 9.77
CA GLN A 680 -6.80 15.57 10.15
C GLN A 680 -5.76 15.93 9.07
N ARG A 681 -6.19 16.32 7.86
CA ARG A 681 -5.26 16.81 6.83
C ARG A 681 -4.95 18.28 7.11
N ARG A 682 -3.70 18.61 7.44
CA ARG A 682 -3.27 19.97 7.88
C ARG A 682 -2.33 20.64 6.89
N ILE A 683 -1.56 19.86 6.09
CA ILE A 683 -0.52 20.41 5.21
C ILE A 683 -0.94 20.05 3.79
N PRO A 684 -1.05 20.99 2.83
CA PRO A 684 -0.58 22.35 2.99
C PRO A 684 -1.50 23.28 3.81
N ILE A 685 -2.74 22.85 3.97
CA ILE A 685 -3.78 23.67 4.67
C ILE A 685 -4.84 22.71 5.20
N GLY A 686 -5.70 23.18 6.08
CA GLY A 686 -6.75 22.34 6.66
C GLY A 686 -7.62 21.72 5.61
N GLY A 687 -8.00 20.45 5.81
CA GLY A 687 -8.86 19.68 4.87
C GLY A 687 -10.24 19.44 5.43
N ASP A 688 -10.57 20.21 6.48
CA ASP A 688 -11.88 20.12 7.19
C ASP A 688 -13.06 20.03 6.21
N ASP A 689 -13.97 19.08 6.43
CA ASP A 689 -15.24 18.90 5.66
C ASP A 689 -14.89 18.65 4.19
N GLY A 690 -13.71 18.09 3.87
CA GLY A 690 -13.39 17.77 2.47
C GLY A 690 -12.95 18.97 1.66
N ASN A 691 -12.68 20.10 2.31
CA ASN A 691 -12.17 21.30 1.62
C ASN A 691 -10.67 21.15 1.30
N ASN A 692 -10.23 21.94 0.33
CA ASN A 692 -8.80 22.02 -0.03
C ASN A 692 -8.26 20.62 -0.38
N LYS A 693 -9.04 19.89 -1.17
CA LYS A 693 -8.61 18.57 -1.72
C LYS A 693 -8.29 18.69 -3.19
N THR A 694 -8.32 19.90 -3.77
CA THR A 694 -8.11 20.13 -5.21
C THR A 694 -7.02 21.18 -5.44
N TRP A 695 -6.32 21.05 -6.55
CA TRP A 695 -5.31 22.01 -7.04
C TRP A 695 -6.00 23.36 -7.30
N SER A 696 -7.23 23.34 -7.81
N SER A 696 -7.23 23.35 -7.81
CA SER A 696 -8.03 24.56 -8.09
CA SER A 696 -7.98 24.61 -8.11
C SER A 696 -8.19 25.38 -6.81
C SER A 696 -8.18 25.40 -6.80
N GLU A 697 -8.55 24.73 -5.71
CA GLU A 697 -8.75 25.44 -4.41
C GLU A 697 -7.39 25.95 -3.96
N MET A 698 -6.34 25.13 -4.10
CA MET A 698 -5.02 25.54 -3.59
C MET A 698 -4.51 26.75 -4.38
N LEU A 699 -4.85 26.86 -5.66
CA LEU A 699 -4.38 28.00 -6.49
C LEU A 699 -4.96 29.32 -5.93
N VAL A 700 -6.16 29.26 -5.41
CA VAL A 700 -6.77 30.44 -4.72
C VAL A 700 -5.86 30.85 -3.55
N HIS A 701 -5.42 29.86 -2.73
CA HIS A 701 -4.56 30.16 -1.57
C HIS A 701 -3.19 30.68 -2.05
N TYR A 702 -2.60 30.04 -3.07
CA TYR A 702 -1.24 30.42 -3.50
C TYR A 702 -1.22 31.80 -4.18
N LYS A 703 -2.28 32.16 -4.91
CA LYS A 703 -2.44 33.55 -5.39
C LYS A 703 -2.37 34.49 -4.18
N ALA A 704 -3.19 34.23 -3.14
CA ALA A 704 -3.24 35.10 -1.94
C ALA A 704 -1.86 35.13 -1.27
N GLU A 705 -1.16 33.98 -1.23
CA GLU A 705 0.23 33.92 -0.70
C GLU A 705 1.11 34.97 -1.41
N LEU A 706 1.06 34.99 -2.74
CA LEU A 706 1.87 35.97 -3.52
C LEU A 706 1.41 37.41 -3.21
N TYR A 707 0.10 37.71 -3.25
CA TYR A 707 -0.41 39.09 -3.00
C TYR A 707 0.00 39.55 -1.59
N ASN A 708 -0.14 38.68 -0.58
CA ASN A 708 0.23 38.98 0.82
C ASN A 708 1.74 39.19 0.94
N PHE A 709 2.56 38.42 0.22
CA PHE A 709 4.03 38.57 0.25
C PHE A 709 4.43 39.96 -0.30
N LYS A 710 3.85 40.33 -1.43
CA LYS A 710 4.15 41.63 -2.05
C LYS A 710 3.74 42.75 -1.09
N GLU A 711 2.62 42.59 -0.39
CA GLU A 711 2.20 43.59 0.61
C GLU A 711 3.20 43.73 1.76
N ASN A 712 3.65 42.59 2.28
CA ASN A 712 4.65 42.54 3.37
C ASN A 712 5.87 43.34 2.89
N ILE A 713 6.34 43.11 1.66
CA ILE A 713 7.56 43.77 1.12
C ILE A 713 7.32 45.29 1.08
N GLU A 714 6.16 45.72 0.61
CA GLU A 714 5.82 47.18 0.58
C GLU A 714 5.82 47.73 2.02
N MET A 715 5.26 47.02 2.99
CA MET A 715 5.23 47.47 4.41
C MET A 715 6.66 47.61 4.94
N LEU A 716 7.58 46.72 4.58
CA LEU A 716 8.97 46.72 5.14
C LEU A 716 9.78 47.86 4.55
N LYS A 717 9.52 48.29 3.30
CA LYS A 717 10.17 49.47 2.69
C LYS A 717 9.56 50.78 3.25
N ASP A 718 8.36 50.68 3.85
CA ASP A 718 7.50 51.78 4.38
C ASP A 718 7.01 51.44 5.78
#